data_9GSG
#
_entry.id   9GSG
#
_cell.length_a   1.00
_cell.length_b   1.00
_cell.length_c   1.00
_cell.angle_alpha   90.00
_cell.angle_beta   90.00
_cell.angle_gamma   90.00
#
_symmetry.space_group_name_H-M   'P 1'
#
loop_
_entity.id
_entity.type
_entity.pdbx_description
1 polymer 'Plasma membrane calcium-transporting ATPase 2'
2 polymer Neuroplastin
3 non-polymer 'TETRAFLUOROALUMINATE ION'
4 non-polymer 'MAGNESIUM ION'
5 non-polymer 2-acetamido-2-deoxy-beta-D-glucopyranose
6 water water
#
loop_
_entity_poly.entity_id
_entity_poly.type
_entity_poly.pdbx_seq_one_letter_code
_entity_poly.pdbx_strand_id
1 'polypeptide(L)'
;MGDMTNSDFYSKNQRNESSHGGEFGCTMEELRSLMELRGTEAVVKIKETYGDTEAICRRLKTSPVEGLPGTAPDLEKRKQ
IFGQNFIPPKKPKTFLQLVWEALQDVTLIILEIAAIISLGLSFYHPPGESNEGCATAQGGAEDEGEAEAGWIEGAAILLS
VICVVLVTAFNDWSKEKQFRGLQSRIEQEQKFTVVRAGQVVQIPVAEIVVGDIAQIKYGDLLPADGLFIQGNDLKIDESS
LTGESDQVRKSVDKDPMLLSGTHVMEGSGRMVVTAVGVNSQTGIIFTLLGAGGEEEEKKDKKAKQQDGAAAMEMQPLKSA
EGGDADDKKKANMHKKEKSVLQGKLTKLAVQIGKAGLVMSAITVIILVLYFTVDTFVVNKKPWLTECTPVYVQYFVKFFI
IGVTVLVVAVPEGLPLAVTISLAYSVKKMMKDNNLVRHLDACETMGNATAICSDKTGTLTTNRMTVVQAYVGDVHYKEIP
DPSSINAKTLELLVNAIAINSAYTTKILPPEKEGALPRQVGNKTECGLLGFVLDLRQDYEPVRSQMPEEKLYKVYTFNSV
RKSMSTVIKMPDESFRMYSKGASEIVLKKCCKILSGAGEARVFRPRDRDEMVKKVIEPMACDGLRTICVAYRDFPSSPEP
DWDNENDILNELTCICVVGIEDPVRPEVPEAIRKCQRAGITVRMVTGDNINTARAIAIKCGIIHPGEDFLCLEGKEFNRR
IRNEKGEIEQERIDKIWPKLRVLARSSPTDKHTLVKGIIDSTHTEQRQVVAVTGDGTNDGPALKKADVGFAMGIAGTDVA
KEASDIILTDDNFSSIVKAVMWGRNVYDSISKFLQFQLTVNVVAVIVAFTGACITQDSPLKAVQMLWVNLIMDTFASLAL
ATEPPTETLLLRKPYGRNKPLISRTMMKNILGHAVYQLTLIFTLLFVGEKMFQIDSGRNAPLHSPPSEHYTIIFNTFVMM
QLFNEINARKIHGERNVFDGIFRNPIFCTIVLGTFAIQIVIVQFGGKPFSCSPLQLDQWMWCIFIGLGELVWGQVIATIP
TSRLKFLKEAGRLTQKEEIPEEELNEDVEEIDHAERELRRGQILWFRGLNRIQTQIRVVKAFRSSLYEGLEKPESRTSIH
NFMAHPEFRIEDSQPHIPLIDDTDLEEDAALKQNSSPPSSLNKNNSAIDSGINLTTDTSKSATSSSPGSPIHSLETSLEN
LYFQGGDYKDDDDK
;
A
2 'polypeptide(L)'
;MSGSSLPGALALSLLLVSGSLLPGPGAAQNAGFVKSPMSETKLTGDAFELYCDVVGSPTPEIQWWYAEVNRAESFRQLWD
GARKRRVTVNTAYGSNGVSVLRITRLTLEDSGTYECRASNDPKRNDLRQNPSITWIRAQATISVLQKPRIVTSEEVIIRE
SLLPVTLQCNLTSSSHTLMYSYWTRNGVELTATRKNASNMEYRINKPRAEDSGEYHCVYHFVSAPKANATIEVKAAPDIT
GHKRSENKNEGQDAMMYCKSVGYPHPEWIWRKKENGVFEEISNSSGRFFITNKENYTELSIVNLQITEDPGEYECNATNS
IGSASVSTVLRVRSHLAPLWPFLGILAEIIILVVIIVVYEKRKRPDEVPDDDEPAGPMKTNSTNNHKDKNLRQRNTNENL
YFQGGHHHHHHHH
;
B
#
loop_
_chem_comp.id
_chem_comp.type
_chem_comp.name
_chem_comp.formula
ALF non-polymer 'TETRAFLUOROALUMINATE ION' 'Al F4 -1'
MG non-polymer 'MAGNESIUM ION' 'Mg 2'
NAG D-saccharide, beta linking 2-acetamido-2-deoxy-beta-D-glucopyranose 'C8 H15 N O6'
#
# COMPACT_ATOMS: atom_id res chain seq x y z
N GLY A 25 13.68 11.89 -49.80
CA GLY A 25 13.68 10.71 -50.65
C GLY A 25 12.92 9.55 -50.06
N CYS A 26 13.63 8.68 -49.35
CA CYS A 26 13.00 7.53 -48.73
C CYS A 26 12.10 7.97 -47.58
N THR A 27 10.97 7.29 -47.43
CA THR A 27 10.04 7.60 -46.35
C THR A 27 10.59 7.12 -45.01
N MET A 28 10.11 7.75 -43.94
CA MET A 28 10.63 7.48 -42.59
C MET A 28 10.48 6.01 -42.22
N GLU A 29 9.29 5.44 -42.43
CA GLU A 29 9.06 4.06 -42.01
C GLU A 29 9.96 3.08 -42.73
N GLU A 30 10.34 3.38 -43.97
CA GLU A 30 11.24 2.49 -44.70
C GLU A 30 12.60 2.40 -44.01
N LEU A 31 13.19 3.55 -43.70
CA LEU A 31 14.48 3.57 -43.02
C LEU A 31 14.38 2.97 -41.62
N ARG A 32 13.27 3.24 -40.92
CA ARG A 32 13.09 2.66 -39.59
C ARG A 32 13.03 1.14 -39.66
N SER A 33 12.34 0.59 -40.67
CA SER A 33 12.29 -0.86 -40.82
C SER A 33 13.65 -1.42 -41.25
N LEU A 34 14.41 -0.64 -42.02
CA LEU A 34 15.77 -1.06 -42.36
C LEU A 34 16.64 -1.17 -41.14
N MET A 35 16.53 -0.23 -40.20
CA MET A 35 17.41 -0.19 -39.04
C MET A 35 17.10 -1.27 -38.00
N GLU A 36 16.22 -2.23 -38.29
CA GLU A 36 15.98 -3.36 -37.41
C GLU A 36 16.72 -4.61 -37.85
N LEU A 37 17.71 -4.49 -38.72
CA LEU A 37 18.50 -5.61 -39.20
C LEU A 37 19.92 -5.52 -38.66
N ARG A 38 20.50 -6.68 -38.36
CA ARG A 38 21.84 -6.73 -37.80
C ARG A 38 22.69 -7.74 -38.56
N GLY A 39 23.99 -7.52 -38.54
CA GLY A 39 24.92 -8.49 -39.10
C GLY A 39 24.86 -8.54 -40.62
N THR A 40 25.34 -9.67 -41.16
CA THR A 40 25.37 -9.85 -42.61
C THR A 40 23.97 -9.79 -43.22
N GLU A 41 22.94 -10.16 -42.45
CA GLU A 41 21.58 -10.07 -42.96
C GLU A 41 21.25 -8.64 -43.39
N ALA A 42 21.83 -7.65 -42.72
CA ALA A 42 21.68 -6.27 -43.17
C ALA A 42 22.41 -6.06 -44.49
N VAL A 43 23.67 -6.47 -44.55
CA VAL A 43 24.54 -6.15 -45.70
C VAL A 43 23.86 -6.53 -47.01
N VAL A 44 23.54 -7.82 -47.16
CA VAL A 44 22.94 -8.29 -48.39
C VAL A 44 21.68 -7.49 -48.71
N LYS A 45 20.83 -7.26 -47.69
CA LYS A 45 19.61 -6.51 -47.90
C LYS A 45 19.91 -5.18 -48.57
N ILE A 46 20.86 -4.43 -48.03
CA ILE A 46 21.20 -3.14 -48.61
C ILE A 46 21.60 -3.32 -50.06
N LYS A 47 22.53 -4.25 -50.32
CA LYS A 47 23.01 -4.45 -51.68
C LYS A 47 21.87 -4.79 -52.62
N GLU A 48 20.88 -5.53 -52.13
CA GLU A 48 19.74 -5.86 -52.98
C GLU A 48 18.90 -4.63 -53.24
N THR A 49 18.57 -3.86 -52.19
CA THR A 49 17.60 -2.79 -52.35
C THR A 49 18.25 -1.49 -52.79
N TYR A 50 19.26 -1.03 -52.04
CA TYR A 50 19.81 0.31 -52.23
C TYR A 50 21.30 0.28 -52.55
N GLY A 51 21.73 -0.71 -53.31
CA GLY A 51 23.11 -0.81 -53.76
C GLY A 51 24.10 -0.69 -52.62
N ASP A 52 25.18 0.03 -52.88
CA ASP A 52 26.16 0.32 -51.84
C ASP A 52 25.76 1.57 -51.07
N THR A 53 26.52 1.86 -50.02
CA THR A 53 26.16 2.95 -49.11
C THR A 53 26.31 4.33 -49.76
N GLU A 54 27.23 4.49 -50.72
CA GLU A 54 27.36 5.79 -51.36
C GLU A 54 26.15 6.12 -52.22
N ALA A 55 25.39 5.09 -52.62
CA ALA A 55 24.15 5.34 -53.36
C ALA A 55 23.02 5.73 -52.41
N ILE A 56 22.92 5.05 -51.25
CA ILE A 56 21.88 5.40 -50.30
C ILE A 56 22.14 6.77 -49.70
N CYS A 57 23.40 7.21 -49.65
CA CYS A 57 23.68 8.60 -49.30
C CYS A 57 23.13 9.54 -50.36
N ARG A 58 23.30 9.20 -51.63
CA ARG A 58 22.78 10.04 -52.71
C ARG A 58 21.26 10.15 -52.64
N ARG A 59 20.59 9.04 -52.36
CA ARG A 59 19.13 9.06 -52.27
C ARG A 59 18.64 10.04 -51.21
N LEU A 60 19.45 10.28 -50.19
CA LEU A 60 19.12 11.27 -49.16
C LEU A 60 19.61 12.67 -49.50
N LYS A 61 20.17 12.87 -50.69
CA LYS A 61 20.66 14.15 -51.15
C LYS A 61 21.70 14.73 -50.19
N THR A 62 22.67 13.89 -49.84
CA THR A 62 23.79 14.30 -49.00
C THR A 62 25.09 13.75 -49.59
N SER A 63 26.18 14.42 -49.27
CA SER A 63 27.50 14.05 -49.78
C SER A 63 28.41 13.63 -48.63
N PRO A 64 28.94 12.41 -48.65
CA PRO A 64 29.86 12.01 -47.56
C PRO A 64 31.06 12.92 -47.41
N VAL A 65 31.65 13.36 -48.53
CA VAL A 65 32.85 14.19 -48.46
C VAL A 65 32.48 15.64 -48.11
N GLU A 66 31.50 16.19 -48.81
CA GLU A 66 31.13 17.58 -48.60
C GLU A 66 30.49 17.79 -47.23
N GLY A 67 29.44 17.04 -46.93
CA GLY A 67 28.75 17.19 -45.66
C GLY A 67 27.29 17.57 -45.84
N LEU A 68 26.85 18.61 -45.13
CA LEU A 68 25.48 19.08 -45.25
C LEU A 68 25.45 20.59 -45.44
N PRO A 69 24.66 21.10 -46.40
CA PRO A 69 24.68 22.55 -46.66
C PRO A 69 24.43 23.42 -45.45
N GLY A 70 23.50 23.03 -44.57
CA GLY A 70 23.19 23.84 -43.41
C GLY A 70 22.20 24.96 -43.65
N THR A 71 21.49 24.95 -44.77
CA THR A 71 20.55 26.01 -45.08
C THR A 71 19.24 25.77 -44.32
N ALA A 72 18.65 26.85 -43.79
CA ALA A 72 17.51 26.75 -42.90
C ALA A 72 16.29 26.07 -43.53
N PRO A 73 15.84 26.42 -44.74
CA PRO A 73 14.70 25.68 -45.31
C PRO A 73 14.97 24.20 -45.46
N ASP A 74 16.18 23.81 -45.86
CA ASP A 74 16.52 22.39 -45.98
C ASP A 74 16.41 21.69 -44.64
N LEU A 75 17.03 22.27 -43.60
CA LEU A 75 17.00 21.67 -42.28
C LEU A 75 15.58 21.55 -41.77
N GLU A 76 14.78 22.60 -41.94
CA GLU A 76 13.41 22.56 -41.43
C GLU A 76 12.55 21.57 -42.20
N LYS A 77 12.75 21.45 -43.51
CA LYS A 77 12.00 20.46 -44.29
C LYS A 77 12.36 19.05 -43.83
N ARG A 78 13.65 18.79 -43.60
CA ARG A 78 14.06 17.49 -43.11
C ARG A 78 13.49 17.20 -41.72
N LYS A 79 13.49 18.20 -40.84
CA LYS A 79 12.92 18.01 -39.51
C LYS A 79 11.42 17.77 -39.58
N GLN A 80 10.74 18.39 -40.55
CA GLN A 80 9.32 18.15 -40.73
C GLN A 80 9.05 16.73 -41.21
N ILE A 81 9.86 16.26 -42.17
CA ILE A 81 9.62 14.93 -42.73
C ILE A 81 9.99 13.83 -41.74
N PHE A 82 11.23 13.82 -41.28
CA PHE A 82 11.75 12.72 -40.46
C PHE A 82 11.65 12.97 -38.97
N GLY A 83 11.12 14.10 -38.52
CA GLY A 83 11.07 14.38 -37.10
C GLY A 83 12.35 15.01 -36.59
N GLN A 84 12.34 15.31 -35.30
CA GLN A 84 13.49 15.93 -34.64
C GLN A 84 14.08 14.99 -33.61
N ASN A 85 15.30 15.31 -33.18
CA ASN A 85 16.07 14.46 -32.27
C ASN A 85 15.72 14.72 -30.82
N PHE A 86 14.53 15.26 -30.56
CA PHE A 86 14.14 15.70 -29.24
C PHE A 86 12.81 15.07 -28.87
N ILE A 87 12.74 14.49 -27.67
CA ILE A 87 11.51 13.90 -27.14
C ILE A 87 11.04 14.77 -25.99
N PRO A 88 9.86 15.39 -26.09
CA PRO A 88 9.36 16.21 -24.97
C PRO A 88 8.93 15.34 -23.80
N PRO A 89 9.27 15.71 -22.58
CA PRO A 89 8.88 14.91 -21.42
C PRO A 89 7.39 15.08 -21.10
N LYS A 90 6.92 14.20 -20.23
CA LYS A 90 5.54 14.25 -19.73
C LYS A 90 5.55 14.95 -18.38
N LYS A 91 4.90 16.11 -18.30
CA LYS A 91 4.89 16.86 -17.06
C LYS A 91 4.10 16.11 -15.99
N PRO A 92 4.56 16.13 -14.74
CA PRO A 92 3.93 15.32 -13.71
C PRO A 92 2.70 15.98 -13.11
N LYS A 93 1.77 15.14 -12.64
CA LYS A 93 0.55 15.63 -12.02
C LYS A 93 0.85 16.28 -10.68
N THR A 94 0.14 17.36 -10.38
CA THR A 94 0.36 18.16 -9.20
C THR A 94 -0.40 17.56 -8.01
N PHE A 95 0.02 17.92 -6.79
CA PHE A 95 -0.69 17.46 -5.61
C PHE A 95 -2.12 17.98 -5.56
N LEU A 96 -2.35 19.21 -6.03
CA LEU A 96 -3.71 19.74 -6.04
C LEU A 96 -4.59 18.95 -6.99
N GLN A 97 -4.06 18.55 -8.14
CA GLN A 97 -4.90 17.84 -9.10
C GLN A 97 -5.13 16.39 -8.63
N LEU A 98 -4.17 15.83 -7.89
CA LEU A 98 -4.39 14.53 -7.27
C LEU A 98 -5.45 14.62 -6.17
N VAL A 99 -5.46 15.71 -5.40
CA VAL A 99 -6.53 15.91 -4.43
C VAL A 99 -7.88 16.02 -5.14
N TRP A 100 -7.92 16.76 -6.24
CA TRP A 100 -9.17 16.89 -7.01
C TRP A 100 -9.65 15.55 -7.53
N GLU A 101 -8.72 14.67 -7.94
CA GLU A 101 -9.14 13.34 -8.38
C GLU A 101 -9.54 12.45 -7.22
N ALA A 102 -8.97 12.68 -6.03
CA ALA A 102 -9.39 11.92 -4.85
C ALA A 102 -10.79 12.31 -4.40
N LEU A 103 -11.17 13.58 -4.59
CA LEU A 103 -12.47 14.02 -4.11
C LEU A 103 -13.63 13.40 -4.89
N GLN A 104 -13.37 12.87 -6.08
CA GLN A 104 -14.43 12.33 -6.92
C GLN A 104 -14.77 10.88 -6.61
N ASP A 105 -14.43 10.39 -5.43
CA ASP A 105 -14.85 9.05 -5.01
C ASP A 105 -16.29 9.10 -4.55
N VAL A 106 -17.08 8.08 -4.92
CA VAL A 106 -18.50 8.09 -4.61
C VAL A 106 -18.73 7.98 -3.11
N THR A 107 -17.96 7.14 -2.43
CA THR A 107 -18.08 6.99 -0.99
C THR A 107 -17.82 8.30 -0.27
N LEU A 108 -16.90 9.12 -0.79
CA LEU A 108 -16.65 10.41 -0.19
C LEU A 108 -17.76 11.41 -0.53
N ILE A 109 -18.36 11.27 -1.71
CA ILE A 109 -19.41 12.21 -2.10
C ILE A 109 -20.64 12.04 -1.23
N ILE A 110 -21.04 10.80 -0.95
CA ILE A 110 -22.22 10.59 -0.11
C ILE A 110 -21.97 11.14 1.30
N LEU A 111 -20.74 11.01 1.80
CA LEU A 111 -20.44 11.50 3.14
C LEU A 111 -20.36 13.01 3.20
N GLU A 112 -19.84 13.66 2.15
CA GLU A 112 -19.86 15.12 2.10
C GLU A 112 -21.30 15.64 2.05
N ILE A 113 -22.16 15.00 1.28
CA ILE A 113 -23.56 15.43 1.22
C ILE A 113 -24.23 15.25 2.57
N ALA A 114 -23.97 14.13 3.23
CA ALA A 114 -24.56 13.91 4.56
C ALA A 114 -24.09 14.96 5.55
N ALA A 115 -22.79 15.27 5.56
CA ALA A 115 -22.27 16.29 6.47
C ALA A 115 -22.89 17.64 6.18
N ILE A 116 -23.09 17.98 4.90
CA ILE A 116 -23.68 19.28 4.56
C ILE A 116 -25.10 19.38 5.07
N ILE A 117 -25.92 18.35 4.82
CA ILE A 117 -27.32 18.45 5.26
C ILE A 117 -27.40 18.41 6.78
N SER A 118 -26.46 17.73 7.44
CA SER A 118 -26.45 17.71 8.90
C SER A 118 -26.15 19.10 9.46
N LEU A 119 -25.10 19.74 8.96
CA LEU A 119 -24.81 21.11 9.40
C LEU A 119 -25.95 22.06 9.06
N GLY A 120 -26.65 21.81 7.96
CA GLY A 120 -27.81 22.61 7.63
C GLY A 120 -28.93 22.48 8.65
N LEU A 121 -29.38 21.24 8.89
CA LEU A 121 -30.44 21.01 9.85
C LEU A 121 -30.05 21.40 11.27
N SER A 122 -28.75 21.49 11.56
CA SER A 122 -28.32 21.86 12.91
C SER A 122 -28.78 23.27 13.28
N PHE A 123 -28.79 24.19 12.34
CA PHE A 123 -29.15 25.58 12.61
C PHE A 123 -30.64 25.85 12.51
N TYR A 124 -31.47 24.81 12.61
CA TYR A 124 -32.92 24.98 12.72
C TYR A 124 -33.31 24.88 14.19
N HIS A 125 -32.94 25.92 14.93
CA HIS A 125 -33.26 25.97 16.36
C HIS A 125 -34.76 25.89 16.63
N PRO A 126 -35.64 26.60 15.89
CA PRO A 126 -37.07 26.39 16.11
C PRO A 126 -37.51 24.94 15.96
N ALA A 149 -24.41 22.42 21.12
CA ALA A 149 -23.44 22.25 20.05
C ALA A 149 -23.85 21.10 19.14
N GLY A 150 -24.89 21.34 18.32
CA GLY A 150 -25.33 20.37 17.34
C GLY A 150 -24.54 20.37 16.05
N TRP A 151 -23.58 21.28 15.92
CA TRP A 151 -22.72 21.32 14.76
C TRP A 151 -21.52 20.39 14.87
N ILE A 152 -21.31 19.76 16.03
CA ILE A 152 -20.15 18.88 16.19
C ILE A 152 -20.24 17.72 15.22
N GLU A 153 -21.37 17.01 15.22
CA GLU A 153 -21.48 15.77 14.47
C GLU A 153 -21.12 15.98 13.01
N GLY A 154 -21.84 16.88 12.33
CA GLY A 154 -21.53 17.15 10.93
C GLY A 154 -20.09 17.56 10.73
N ALA A 155 -19.56 18.42 11.60
CA ALA A 155 -18.18 18.84 11.45
C ALA A 155 -17.25 17.64 11.54
N ALA A 156 -17.51 16.74 12.49
CA ALA A 156 -16.67 15.55 12.61
C ALA A 156 -16.64 14.78 11.30
N ILE A 157 -17.81 14.63 10.65
CA ILE A 157 -17.83 13.89 9.39
C ILE A 157 -16.89 14.52 8.39
N LEU A 158 -16.95 15.86 8.26
CA LEU A 158 -16.06 16.52 7.30
C LEU A 158 -14.61 16.23 7.63
N LEU A 159 -14.25 16.26 8.91
CA LEU A 159 -12.87 16.01 9.27
C LEU A 159 -12.42 14.64 8.78
N SER A 160 -13.27 13.63 8.92
CA SER A 160 -12.88 12.29 8.47
C SER A 160 -12.57 12.31 6.98
N VAL A 161 -13.42 12.97 6.19
CA VAL A 161 -13.16 13.05 4.76
C VAL A 161 -11.83 13.73 4.51
N ILE A 162 -11.58 14.84 5.20
CA ILE A 162 -10.35 15.59 4.97
C ILE A 162 -9.14 14.73 5.31
N CYS A 163 -9.32 13.74 6.18
CA CYS A 163 -8.25 12.81 6.44
C CYS A 163 -8.01 11.92 5.23
N VAL A 164 -9.05 11.21 4.79
CA VAL A 164 -8.87 10.14 3.80
C VAL A 164 -8.26 10.70 2.53
N VAL A 165 -8.83 11.80 2.01
CA VAL A 165 -8.30 12.40 0.81
C VAL A 165 -6.82 12.70 0.96
N LEU A 166 -6.45 13.36 2.07
CA LEU A 166 -5.07 13.81 2.22
C LEU A 166 -4.12 12.63 2.26
N VAL A 167 -4.60 11.46 2.65
CA VAL A 167 -3.75 10.28 2.61
C VAL A 167 -3.72 9.70 1.20
N THR A 168 -4.89 9.53 0.58
CA THR A 168 -4.95 8.88 -0.72
C THR A 168 -4.12 9.63 -1.74
N ALA A 169 -4.35 10.94 -1.86
CA ALA A 169 -3.55 11.76 -2.75
C ALA A 169 -2.07 11.56 -2.49
N PHE A 170 -1.67 11.56 -1.20
CA PHE A 170 -0.26 11.42 -0.88
C PHE A 170 0.32 10.15 -1.48
N ASN A 171 -0.41 9.03 -1.36
CA ASN A 171 0.06 7.80 -1.97
C ASN A 171 0.23 7.99 -3.47
N ASP A 172 -0.81 8.49 -4.15
CA ASP A 172 -0.73 8.69 -5.58
C ASP A 172 0.41 9.64 -5.93
N TRP A 173 0.76 10.52 -5.00
CA TRP A 173 1.87 11.43 -5.27
C TRP A 173 3.18 10.67 -5.27
N SER A 174 3.42 9.85 -4.25
CA SER A 174 4.74 9.24 -4.08
C SER A 174 5.06 8.32 -5.25
N LYS A 175 4.07 7.54 -5.68
CA LYS A 175 4.26 6.70 -6.86
C LYS A 175 4.68 7.53 -8.07
N GLU A 176 3.99 8.64 -8.31
CA GLU A 176 4.37 9.52 -9.41
C GLU A 176 5.82 9.96 -9.29
N LYS A 177 6.30 10.12 -8.05
CA LYS A 177 7.63 10.65 -7.83
C LYS A 177 8.70 9.58 -8.08
N GLN A 178 8.31 8.30 -8.06
CA GLN A 178 9.31 7.25 -8.25
C GLN A 178 9.74 7.15 -9.71
N PHE A 179 8.81 7.38 -10.63
CA PHE A 179 9.06 7.16 -12.06
C PHE A 179 9.37 8.45 -12.80
N ARG A 180 9.76 9.52 -12.09
CA ARG A 180 9.99 10.80 -12.74
C ARG A 180 11.21 10.76 -13.65
N GLY A 181 12.24 10.00 -13.27
CA GLY A 181 13.43 9.88 -14.07
C GLY A 181 13.20 9.37 -15.47
N LEU A 182 12.32 8.37 -15.60
CA LEU A 182 12.01 7.75 -16.88
C LEU A 182 11.59 8.77 -17.93
N PHE A 192 25.86 15.98 -25.19
CA PHE A 192 25.10 17.21 -25.31
C PHE A 192 25.49 17.93 -26.61
N THR A 193 26.77 17.86 -26.96
CA THR A 193 27.29 18.44 -28.20
C THR A 193 28.09 17.38 -28.95
N VAL A 194 27.93 17.33 -30.27
CA VAL A 194 28.56 16.32 -31.10
C VAL A 194 29.09 16.98 -32.37
N VAL A 195 30.16 16.42 -32.92
CA VAL A 195 30.68 16.83 -34.23
C VAL A 195 29.76 16.27 -35.31
N ARG A 196 29.09 17.15 -36.05
CA ARG A 196 27.93 16.77 -36.86
C ARG A 196 28.10 17.17 -38.32
N ALA A 197 29.34 17.29 -38.81
CA ALA A 197 29.53 17.68 -40.19
C ALA A 197 30.91 17.24 -40.67
N GLY A 198 31.06 17.22 -41.99
CA GLY A 198 32.39 17.07 -42.56
C GLY A 198 33.31 18.20 -42.14
N GLN A 199 32.82 19.44 -42.23
CA GLN A 199 33.51 20.59 -41.65
C GLN A 199 33.11 20.65 -40.18
N VAL A 200 34.05 20.27 -39.31
CA VAL A 200 33.76 19.97 -37.91
C VAL A 200 33.12 21.17 -37.20
N VAL A 201 31.88 21.00 -36.77
CA VAL A 201 31.14 22.01 -36.02
C VAL A 201 30.46 21.31 -34.84
N GLN A 202 30.74 21.79 -33.63
CA GLN A 202 30.09 21.24 -32.45
C GLN A 202 28.63 21.71 -32.42
N ILE A 203 27.69 20.76 -32.46
CA ILE A 203 26.28 21.08 -32.56
C ILE A 203 25.52 20.28 -31.51
N PRO A 204 24.48 20.84 -30.88
CA PRO A 204 23.70 20.06 -29.91
C PRO A 204 23.02 18.87 -30.56
N VAL A 205 22.81 17.82 -29.77
CA VAL A 205 22.25 16.58 -30.29
C VAL A 205 20.82 16.78 -30.77
N ALA A 206 20.10 17.76 -30.22
CA ALA A 206 18.71 17.97 -30.62
C ALA A 206 18.62 18.53 -32.03
N GLU A 207 19.71 19.06 -32.57
CA GLU A 207 19.69 19.68 -33.89
C GLU A 207 20.04 18.71 -35.02
N ILE A 208 20.39 17.46 -34.70
CA ILE A 208 20.78 16.52 -35.75
C ILE A 208 19.56 16.17 -36.59
N VAL A 209 19.78 15.98 -37.89
CA VAL A 209 18.72 15.64 -38.84
C VAL A 209 19.18 14.46 -39.68
N VAL A 210 18.20 13.76 -40.27
CA VAL A 210 18.51 12.63 -41.12
C VAL A 210 19.27 13.10 -42.35
N GLY A 211 20.39 12.45 -42.64
CA GLY A 211 21.28 12.83 -43.72
C GLY A 211 22.58 13.45 -43.25
N ASP A 212 22.71 13.74 -41.96
CA ASP A 212 23.93 14.32 -41.42
C ASP A 212 25.11 13.37 -41.57
N ILE A 213 26.30 13.95 -41.63
CA ILE A 213 27.55 13.21 -41.60
C ILE A 213 28.23 13.50 -40.27
N ALA A 214 28.35 12.49 -39.42
CA ALA A 214 28.91 12.65 -38.09
C ALA A 214 30.24 11.92 -37.98
N GLN A 215 31.08 12.40 -37.07
CA GLN A 215 32.37 11.77 -36.80
C GLN A 215 32.36 11.18 -35.39
N ILE A 216 32.80 9.93 -35.29
CA ILE A 216 32.73 9.16 -34.05
C ILE A 216 34.14 8.76 -33.63
N LYS A 217 34.45 9.03 -32.36
CA LYS A 217 35.76 8.77 -31.78
C LYS A 217 35.60 7.98 -30.49
N TYR A 218 36.72 7.64 -29.87
CA TYR A 218 36.71 6.93 -28.60
C TYR A 218 36.01 7.75 -27.52
N GLY A 219 35.14 7.09 -26.76
CA GLY A 219 34.45 7.70 -25.65
C GLY A 219 33.10 8.30 -25.98
N ASP A 220 32.80 8.51 -27.27
CA ASP A 220 31.55 9.12 -27.66
C ASP A 220 30.37 8.18 -27.39
N LEU A 221 29.21 8.77 -27.18
CA LEU A 221 27.95 8.05 -27.06
C LEU A 221 27.09 8.41 -28.27
N LEU A 222 26.73 7.41 -29.06
CA LEU A 222 26.09 7.68 -30.34
C LEU A 222 24.75 8.36 -30.14
N PRO A 223 24.46 9.44 -30.87
CA PRO A 223 23.20 10.17 -30.67
C PRO A 223 22.02 9.62 -31.44
N ALA A 224 22.26 8.95 -32.56
CA ALA A 224 21.17 8.45 -33.39
C ALA A 224 21.66 7.30 -34.25
N ASP A 225 20.71 6.53 -34.76
CA ASP A 225 21.03 5.41 -35.64
C ASP A 225 21.64 5.90 -36.95
N GLY A 226 22.54 5.10 -37.50
CA GLY A 226 23.17 5.48 -38.73
C GLY A 226 23.81 4.33 -39.46
N LEU A 227 24.56 4.66 -40.50
CA LEU A 227 25.29 3.72 -41.33
C LEU A 227 26.75 4.13 -41.38
N PHE A 228 27.59 3.14 -41.65
CA PHE A 228 29.06 3.26 -41.54
C PHE A 228 29.63 3.52 -42.93
N ILE A 229 30.21 4.71 -43.12
CA ILE A 229 30.86 5.05 -44.38
C ILE A 229 32.28 4.53 -44.40
N GLN A 230 33.12 5.04 -43.49
CA GLN A 230 34.53 4.67 -43.43
C GLN A 230 35.03 4.89 -42.01
N GLY A 231 36.02 4.09 -41.61
CA GLY A 231 36.56 4.19 -40.27
C GLY A 231 37.87 3.46 -40.08
N ASN A 232 38.35 3.42 -38.84
CA ASN A 232 39.62 2.77 -38.49
C ASN A 232 39.38 1.86 -37.29
N ASP A 233 38.97 0.62 -37.56
CA ASP A 233 38.87 -0.45 -36.56
C ASP A 233 37.93 -0.07 -35.41
N LEU A 234 36.66 0.15 -35.74
CA LEU A 234 35.66 0.43 -34.72
C LEU A 234 35.33 -0.81 -33.92
N LYS A 235 35.31 -0.66 -32.59
CA LYS A 235 34.73 -1.65 -31.69
C LYS A 235 33.76 -0.90 -30.77
N ILE A 236 32.53 -1.40 -30.70
CA ILE A 236 31.43 -0.75 -30.02
C ILE A 236 30.93 -1.67 -28.90
N ASP A 237 30.40 -1.06 -27.84
CA ASP A 237 29.81 -1.78 -26.71
C ASP A 237 28.30 -1.61 -26.78
N GLU A 238 27.60 -2.66 -27.17
CA GLU A 238 26.15 -2.61 -27.40
C GLU A 238 25.36 -3.27 -26.28
N SER A 239 25.80 -3.10 -25.03
CA SER A 239 25.11 -3.76 -23.92
C SER A 239 23.78 -3.10 -23.59
N SER A 240 23.57 -1.87 -24.05
CA SER A 240 22.32 -1.17 -23.76
C SER A 240 21.16 -1.75 -24.58
N LEU A 241 21.47 -2.50 -25.64
CA LEU A 241 20.42 -3.06 -26.48
C LEU A 241 20.35 -4.58 -26.35
N THR A 242 21.51 -5.24 -26.26
CA THR A 242 21.51 -6.70 -26.17
C THR A 242 21.71 -7.20 -24.74
N GLY A 243 22.38 -6.42 -23.90
CA GLY A 243 22.71 -6.87 -22.56
C GLY A 243 24.01 -7.63 -22.45
N GLU A 244 24.74 -7.79 -23.55
CA GLU A 244 26.03 -8.47 -23.56
C GLU A 244 27.13 -7.44 -23.70
N SER A 245 28.13 -7.51 -22.83
CA SER A 245 29.20 -6.51 -22.78
C SER A 245 30.40 -6.95 -23.60
N ASP A 246 30.16 -7.20 -24.87
CA ASP A 246 31.18 -7.65 -25.80
C ASP A 246 31.45 -6.56 -26.84
N GLN A 247 32.71 -6.43 -27.24
CA GLN A 247 33.06 -5.46 -28.27
C GLN A 247 32.71 -6.01 -29.64
N VAL A 248 31.95 -5.24 -30.40
CA VAL A 248 31.48 -5.61 -31.73
C VAL A 248 32.29 -4.80 -32.75
N ARG A 249 32.85 -5.50 -33.73
CA ARG A 249 33.67 -4.86 -34.76
C ARG A 249 32.79 -4.43 -35.93
N LYS A 250 32.88 -3.15 -36.29
CA LYS A 250 32.03 -2.54 -37.31
C LYS A 250 32.82 -2.35 -38.59
N SER A 251 32.46 -3.10 -39.63
CA SER A 251 33.05 -2.96 -40.95
C SER A 251 31.95 -3.07 -42.00
N VAL A 252 32.18 -2.45 -43.16
CA VAL A 252 31.17 -2.40 -44.21
C VAL A 252 30.77 -3.80 -44.68
N ASP A 253 31.75 -4.69 -44.85
CA ASP A 253 31.45 -6.02 -45.35
C ASP A 253 30.76 -6.87 -44.28
N LYS A 254 31.21 -6.77 -43.02
CA LYS A 254 30.66 -7.58 -41.95
C LYS A 254 29.37 -6.98 -41.37
N ASP A 255 29.46 -5.79 -40.79
CA ASP A 255 28.31 -5.19 -40.12
C ASP A 255 28.38 -3.67 -40.17
N PRO A 256 27.53 -3.03 -40.97
CA PRO A 256 27.57 -1.57 -41.08
C PRO A 256 26.62 -0.81 -40.16
N MET A 257 25.78 -1.51 -39.41
CA MET A 257 24.74 -0.85 -38.62
C MET A 257 25.33 -0.27 -37.33
N LEU A 258 25.12 1.02 -37.12
CA LEU A 258 25.44 1.69 -35.87
C LEU A 258 24.14 2.16 -35.22
N LEU A 259 24.01 1.97 -33.92
CA LEU A 259 22.74 2.16 -33.23
C LEU A 259 22.87 3.21 -32.14
N SER A 260 21.73 3.76 -31.74
CA SER A 260 21.71 4.89 -30.82
C SER A 260 21.93 4.43 -29.39
N GLY A 261 22.71 5.21 -28.65
CA GLY A 261 22.94 4.96 -27.24
C GLY A 261 24.09 4.04 -26.93
N THR A 262 24.70 3.40 -27.93
CA THR A 262 25.82 2.53 -27.69
C THR A 262 27.10 3.34 -27.54
N HIS A 263 28.12 2.72 -26.96
CA HIS A 263 29.33 3.40 -26.52
C HIS A 263 30.51 2.93 -27.34
N VAL A 264 31.27 3.87 -27.89
CA VAL A 264 32.43 3.53 -28.73
C VAL A 264 33.57 3.11 -27.82
N MET A 265 34.00 1.85 -27.95
CA MET A 265 35.13 1.36 -27.17
C MET A 265 36.45 1.68 -27.84
N GLU A 266 36.54 1.54 -29.15
CA GLU A 266 37.81 1.76 -29.83
C GLU A 266 37.57 2.17 -31.27
N GLY A 267 38.55 2.88 -31.83
CA GLY A 267 38.53 3.25 -33.23
C GLY A 267 37.97 4.64 -33.48
N SER A 268 37.86 4.96 -34.77
CA SER A 268 37.27 6.21 -35.22
C SER A 268 36.59 5.97 -36.56
N GLY A 269 35.72 6.90 -36.94
CA GLY A 269 35.09 6.79 -38.23
C GLY A 269 34.08 7.89 -38.45
N ARG A 270 33.33 7.78 -39.54
CA ARG A 270 32.21 8.67 -39.80
C ARG A 270 30.99 7.88 -40.24
N MET A 271 29.82 8.43 -39.91
CA MET A 271 28.55 7.76 -40.09
C MET A 271 27.56 8.72 -40.74
N VAL A 272 26.53 8.14 -41.34
CA VAL A 272 25.42 8.90 -41.92
C VAL A 272 24.16 8.59 -41.13
N VAL A 273 23.50 9.64 -40.62
CA VAL A 273 22.37 9.49 -39.71
C VAL A 273 21.15 9.05 -40.51
N THR A 274 20.41 8.06 -40.01
CA THR A 274 19.26 7.53 -40.72
C THR A 274 17.96 7.67 -39.94
N ALA A 275 17.97 7.39 -38.64
CA ALA A 275 16.81 7.56 -37.77
C ALA A 275 17.22 8.46 -36.63
N VAL A 276 16.38 9.41 -36.26
CA VAL A 276 16.83 10.56 -35.47
C VAL A 276 16.08 10.70 -34.15
N GLY A 277 14.77 10.49 -34.12
CA GLY A 277 14.04 10.91 -32.94
C GLY A 277 13.44 9.82 -32.10
N VAL A 278 12.12 9.73 -32.08
CA VAL A 278 11.42 8.61 -31.46
C VAL A 278 11.50 7.35 -32.32
N ASN A 279 12.21 7.40 -33.44
CA ASN A 279 12.36 6.25 -34.32
C ASN A 279 13.66 5.50 -34.08
N SER A 280 14.63 6.09 -33.41
CA SER A 280 15.84 5.38 -33.05
C SER A 280 15.59 4.41 -31.90
N GLN A 281 16.59 3.56 -31.62
CA GLN A 281 16.41 2.50 -30.65
C GLN A 281 16.15 3.03 -29.24
N THR A 282 16.88 4.07 -28.84
CA THR A 282 16.63 4.68 -27.55
C THR A 282 15.28 5.37 -27.53
N GLY A 283 14.88 5.97 -28.66
CA GLY A 283 13.56 6.56 -28.75
C GLY A 283 12.46 5.52 -28.61
N ILE A 284 12.65 4.35 -29.20
CA ILE A 284 11.68 3.28 -29.05
C ILE A 284 11.60 2.83 -27.60
N ILE A 285 12.76 2.69 -26.95
CA ILE A 285 12.78 2.26 -25.55
C ILE A 285 12.03 3.27 -24.68
N PHE A 286 12.26 4.56 -24.91
CA PHE A 286 11.61 5.57 -24.07
C PHE A 286 10.14 5.77 -24.43
N THR A 287 9.75 5.44 -25.67
CA THR A 287 8.32 5.44 -26.01
C THR A 287 7.60 4.30 -25.29
N LEU A 288 8.22 3.12 -25.24
CA LEU A 288 7.62 1.98 -24.56
C LEU A 288 7.59 2.13 -23.05
N LEU A 289 8.27 3.12 -22.49
CA LEU A 289 8.31 3.34 -21.04
C LEU A 289 7.29 4.37 -20.61
N GLY A 290 6.21 4.53 -21.38
CA GLY A 290 5.24 5.55 -21.06
C GLY A 290 5.70 6.93 -21.49
N ALA A 291 6.85 7.36 -20.97
CA ALA A 291 7.44 8.64 -21.33
C ALA A 291 7.67 8.76 -22.83
N LYS A 338 -4.63 0.03 -11.51
CA LYS A 338 -4.06 0.49 -10.25
C LYS A 338 -3.29 -0.62 -9.54
N SER A 339 -3.98 -1.72 -9.24
CA SER A 339 -3.40 -2.93 -8.67
C SER A 339 -4.50 -3.98 -8.65
N VAL A 340 -4.12 -5.21 -8.31
CA VAL A 340 -5.13 -6.28 -8.23
C VAL A 340 -5.90 -6.16 -6.93
N LEU A 341 -5.17 -6.12 -5.81
CA LEU A 341 -5.80 -5.99 -4.50
C LEU A 341 -6.53 -4.66 -4.37
N GLN A 342 -5.94 -3.57 -4.87
CA GLN A 342 -6.59 -2.27 -4.78
C GLN A 342 -7.90 -2.24 -5.57
N GLY A 343 -7.93 -2.89 -6.73
CA GLY A 343 -9.18 -2.99 -7.47
C GLY A 343 -10.24 -3.78 -6.74
N LYS A 344 -9.84 -4.91 -6.15
CA LYS A 344 -10.79 -5.70 -5.35
C LYS A 344 -11.34 -4.87 -4.19
N LEU A 345 -10.46 -4.16 -3.48
CA LEU A 345 -10.89 -3.37 -2.34
C LEU A 345 -11.82 -2.24 -2.75
N THR A 346 -11.53 -1.58 -3.86
CA THR A 346 -12.39 -0.49 -4.33
C THR A 346 -13.77 -1.01 -4.70
N LYS A 347 -13.85 -2.15 -5.40
CA LYS A 347 -15.14 -2.71 -5.74
C LYS A 347 -15.95 -3.04 -4.48
N LEU A 348 -15.30 -3.66 -3.49
CA LEU A 348 -16.00 -4.02 -2.26
C LEU A 348 -16.50 -2.78 -1.52
N ALA A 349 -15.66 -1.74 -1.43
CA ALA A 349 -16.06 -0.53 -0.74
C ALA A 349 -17.24 0.14 -1.43
N VAL A 350 -17.25 0.15 -2.75
CA VAL A 350 -18.35 0.77 -3.48
C VAL A 350 -19.66 0.04 -3.20
N GLN A 351 -19.65 -1.29 -3.26
CA GLN A 351 -20.93 -1.99 -3.06
C GLN A 351 -21.40 -1.90 -1.61
N ILE A 352 -20.48 -1.88 -0.64
CA ILE A 352 -20.89 -1.64 0.74
C ILE A 352 -21.51 -0.26 0.90
N GLY A 353 -20.92 0.75 0.26
CA GLY A 353 -21.47 2.09 0.35
C GLY A 353 -22.88 2.20 -0.21
N LYS A 354 -23.14 1.54 -1.35
CA LYS A 354 -24.49 1.64 -1.89
C LYS A 354 -25.50 0.84 -1.09
N ALA A 355 -25.09 -0.27 -0.46
CA ALA A 355 -25.98 -0.93 0.49
C ALA A 355 -26.32 0.00 1.66
N GLY A 356 -25.34 0.75 2.16
CA GLY A 356 -25.62 1.71 3.21
C GLY A 356 -26.60 2.79 2.80
N LEU A 357 -26.46 3.31 1.57
CA LEU A 357 -27.43 4.29 1.08
C LEU A 357 -28.84 3.71 1.03
N VAL A 358 -28.98 2.48 0.56
CA VAL A 358 -30.31 1.88 0.48
C VAL A 358 -30.93 1.76 1.87
N MET A 359 -30.14 1.31 2.85
CA MET A 359 -30.67 1.18 4.21
C MET A 359 -31.07 2.53 4.80
N SER A 360 -30.27 3.58 4.59
CA SER A 360 -30.63 4.89 5.12
C SER A 360 -31.93 5.40 4.50
N ALA A 361 -32.09 5.23 3.19
CA ALA A 361 -33.34 5.67 2.55
C ALA A 361 -34.54 4.92 3.09
N ILE A 362 -34.42 3.60 3.25
CA ILE A 362 -35.55 2.83 3.77
C ILE A 362 -35.90 3.29 5.18
N THR A 363 -34.89 3.57 6.01
CA THR A 363 -35.16 4.04 7.36
C THR A 363 -35.98 5.33 7.35
N VAL A 364 -35.55 6.31 6.54
CA VAL A 364 -36.24 7.59 6.53
C VAL A 364 -37.68 7.42 6.05
N ILE A 365 -37.89 6.66 4.96
CA ILE A 365 -39.25 6.54 4.44
C ILE A 365 -40.14 5.77 5.40
N ILE A 366 -39.62 4.75 6.08
CA ILE A 366 -40.43 4.02 7.05
C ILE A 366 -40.84 4.92 8.20
N LEU A 367 -39.90 5.73 8.72
CA LEU A 367 -40.25 6.63 9.81
C LEU A 367 -41.34 7.61 9.39
N VAL A 368 -41.17 8.23 8.21
CA VAL A 368 -42.15 9.22 7.75
C VAL A 368 -43.52 8.59 7.55
N LEU A 369 -43.56 7.44 6.87
CA LEU A 369 -44.82 6.76 6.59
C LEU A 369 -45.54 6.36 7.87
N TYR A 370 -44.80 5.79 8.82
CA TYR A 370 -45.41 5.38 10.08
C TYR A 370 -45.97 6.58 10.83
N PHE A 371 -45.20 7.68 10.88
CA PHE A 371 -45.70 8.88 11.54
C PHE A 371 -47.00 9.35 10.92
N THR A 372 -47.02 9.49 9.60
CA THR A 372 -48.22 9.99 8.92
C THR A 372 -49.42 9.08 9.16
N VAL A 373 -49.25 7.77 8.96
CA VAL A 373 -50.37 6.86 9.11
C VAL A 373 -50.90 6.88 10.53
N ASP A 374 -50.01 6.78 11.53
CA ASP A 374 -50.46 6.78 12.91
C ASP A 374 -51.22 8.07 13.24
N THR A 375 -50.60 9.22 12.94
CA THR A 375 -51.21 10.50 13.30
C THR A 375 -52.57 10.68 12.64
N PHE A 376 -52.66 10.41 11.34
CA PHE A 376 -53.94 10.65 10.67
C PHE A 376 -54.92 9.50 10.84
N VAL A 377 -54.54 8.43 11.54
CA VAL A 377 -55.56 7.50 12.03
C VAL A 377 -56.11 7.99 13.36
N VAL A 378 -55.25 8.25 14.33
CA VAL A 378 -55.77 8.55 15.67
C VAL A 378 -56.14 10.03 15.81
N ASN A 379 -55.17 10.94 15.68
CA ASN A 379 -55.43 12.33 16.02
C ASN A 379 -56.29 13.03 14.96
N LYS A 380 -55.93 12.86 13.69
CA LYS A 380 -56.59 13.56 12.59
C LYS A 380 -56.59 15.07 12.82
N LYS A 381 -55.42 15.61 13.16
CA LYS A 381 -55.29 17.02 13.49
C LYS A 381 -55.44 17.89 12.24
N PRO A 382 -55.70 19.19 12.42
CA PRO A 382 -55.78 20.09 11.26
C PRO A 382 -54.49 20.08 10.45
N TRP A 383 -54.65 20.26 9.13
CA TRP A 383 -53.54 20.12 8.20
C TRP A 383 -52.57 21.30 8.24
N LEU A 384 -52.71 22.23 9.18
CA LEU A 384 -51.73 23.30 9.33
C LEU A 384 -50.34 22.71 9.62
N THR A 385 -49.35 23.18 8.86
CA THR A 385 -47.98 22.70 8.97
C THR A 385 -47.17 23.64 9.86
N GLU A 386 -47.44 23.58 11.16
CA GLU A 386 -46.78 24.43 12.13
C GLU A 386 -45.26 24.25 12.11
N VAL A 390 -43.50 21.77 15.33
CA VAL A 390 -44.24 20.54 15.12
C VAL A 390 -44.53 20.39 13.63
N TYR A 391 -44.48 19.14 13.14
CA TYR A 391 -44.65 18.76 11.74
C TYR A 391 -43.42 19.10 10.91
N VAL A 392 -42.48 19.84 11.51
CA VAL A 392 -41.21 20.10 10.84
C VAL A 392 -40.06 19.52 11.66
N GLN A 393 -40.13 19.67 12.98
CA GLN A 393 -39.09 19.15 13.85
C GLN A 393 -39.06 17.64 13.84
N TYR A 394 -40.24 17.01 13.66
CA TYR A 394 -40.28 15.56 13.48
C TYR A 394 -39.52 15.14 12.22
N PHE A 395 -39.70 15.88 11.13
CA PHE A 395 -39.00 15.53 9.90
C PHE A 395 -37.50 15.77 10.04
N VAL A 396 -37.12 16.83 10.76
CA VAL A 396 -35.69 17.07 11.00
C VAL A 396 -35.08 15.93 11.79
N LYS A 397 -35.77 15.46 12.84
CA LYS A 397 -35.23 14.34 13.61
C LYS A 397 -35.17 13.07 12.78
N PHE A 398 -36.15 12.85 11.90
CA PHE A 398 -36.11 11.68 11.03
C PHE A 398 -34.92 11.73 10.08
N PHE A 399 -34.61 12.90 9.53
CA PHE A 399 -33.45 13.02 8.66
C PHE A 399 -32.14 12.84 9.43
N ILE A 400 -32.08 13.31 10.68
CA ILE A 400 -30.88 13.06 11.48
C ILE A 400 -30.68 11.57 11.71
N ILE A 401 -31.76 10.85 12.02
CA ILE A 401 -31.62 9.40 12.22
C ILE A 401 -31.18 8.72 10.93
N GLY A 402 -31.75 9.13 9.80
CA GLY A 402 -31.35 8.54 8.53
C GLY A 402 -29.91 8.82 8.16
N VAL A 403 -29.39 9.98 8.54
CA VAL A 403 -27.96 10.25 8.33
C VAL A 403 -27.11 9.38 9.24
N THR A 404 -27.56 9.15 10.47
CA THR A 404 -26.79 8.31 11.39
C THR A 404 -26.66 6.88 10.87
N VAL A 405 -27.74 6.34 10.29
CA VAL A 405 -27.65 4.98 9.75
C VAL A 405 -26.59 4.89 8.66
N LEU A 406 -26.54 5.91 7.79
CA LEU A 406 -25.53 5.95 6.74
C LEU A 406 -24.11 6.03 7.31
N VAL A 407 -23.92 6.88 8.32
CA VAL A 407 -22.58 7.05 8.87
C VAL A 407 -22.10 5.77 9.55
N VAL A 408 -22.97 5.07 10.29
CA VAL A 408 -22.51 3.86 10.95
C VAL A 408 -22.35 2.72 9.95
N ALA A 409 -23.01 2.82 8.79
CA ALA A 409 -22.98 1.70 7.84
C ALA A 409 -21.64 1.59 7.12
N VAL A 410 -21.05 2.70 6.71
CA VAL A 410 -19.94 2.64 5.76
C VAL A 410 -18.61 2.60 6.51
N PRO A 411 -17.59 1.92 5.97
CA PRO A 411 -16.26 1.91 6.60
C PRO A 411 -15.43 3.13 6.26
N GLU A 412 -15.55 4.24 7.00
CA GLU A 412 -14.88 5.47 6.60
C GLU A 412 -13.36 5.34 6.57
N GLY A 413 -12.77 4.58 7.49
CA GLY A 413 -11.33 4.52 7.59
C GLY A 413 -10.70 3.25 7.05
N LEU A 414 -11.16 2.78 5.90
CA LEU A 414 -10.54 1.61 5.27
C LEU A 414 -9.24 1.95 4.52
N PRO A 415 -9.16 3.02 3.73
CA PRO A 415 -7.86 3.37 3.14
C PRO A 415 -6.76 3.58 4.16
N LEU A 416 -7.07 4.18 5.30
CA LEU A 416 -6.07 4.40 6.35
C LEU A 416 -5.53 3.09 6.90
N ALA A 417 -6.42 2.13 7.16
CA ALA A 417 -6.00 0.84 7.68
C ALA A 417 -5.16 0.08 6.67
N VAL A 418 -5.56 0.09 5.40
CA VAL A 418 -4.76 -0.60 4.39
C VAL A 418 -3.39 0.04 4.26
N THR A 419 -3.34 1.38 4.27
CA THR A 419 -2.06 2.07 4.15
C THR A 419 -1.13 1.74 5.31
N ILE A 420 -1.64 1.73 6.54
CA ILE A 420 -0.75 1.49 7.68
C ILE A 420 -0.27 0.04 7.71
N SER A 421 -1.13 -0.91 7.34
CA SER A 421 -0.69 -2.29 7.25
C SER A 421 0.41 -2.46 6.18
N LEU A 422 0.23 -1.84 5.02
CA LEU A 422 1.22 -1.99 3.96
C LEU A 422 2.54 -1.30 4.32
N ALA A 423 2.48 -0.16 5.02
CA ALA A 423 3.71 0.51 5.42
C ALA A 423 4.49 -0.31 6.42
N TYR A 424 3.82 -0.91 7.40
CA TYR A 424 4.51 -1.79 8.32
C TYR A 424 5.16 -2.95 7.59
N SER A 425 4.42 -3.55 6.64
CA SER A 425 4.97 -4.70 5.92
C SER A 425 6.19 -4.31 5.09
N VAL A 426 6.17 -3.15 4.43
CA VAL A 426 7.34 -2.71 3.67
C VAL A 426 8.55 -2.52 4.58
N LYS A 427 8.34 -1.87 5.73
CA LYS A 427 9.40 -1.66 6.69
C LYS A 427 10.03 -2.98 7.10
N LYS A 428 9.19 -4.01 7.32
CA LYS A 428 9.73 -5.30 7.70
C LYS A 428 10.41 -6.03 6.54
N MET A 429 9.86 -5.95 5.33
CA MET A 429 10.47 -6.58 4.17
C MET A 429 11.86 -6.06 3.90
N MET A 430 12.16 -4.82 4.31
CA MET A 430 13.48 -4.27 4.04
C MET A 430 14.61 -5.12 4.61
N LYS A 431 14.36 -5.90 5.67
CA LYS A 431 15.42 -6.72 6.26
C LYS A 431 15.74 -7.95 5.44
N ASP A 432 14.85 -8.36 4.53
CA ASP A 432 15.09 -9.49 3.65
C ASP A 432 15.71 -9.07 2.32
N ASN A 433 16.37 -7.91 2.30
CA ASN A 433 17.04 -7.39 1.11
C ASN A 433 16.06 -7.12 -0.04
N ASN A 434 14.83 -6.70 0.29
CA ASN A 434 13.85 -6.28 -0.69
C ASN A 434 13.52 -4.83 -0.43
N LEU A 435 13.98 -3.92 -1.29
CA LEU A 435 13.64 -2.51 -1.20
C LEU A 435 12.42 -2.27 -2.07
N VAL A 436 11.26 -2.15 -1.42
CA VAL A 436 10.00 -1.91 -2.12
C VAL A 436 9.85 -0.40 -2.31
N ARG A 437 9.68 0.03 -3.56
CA ARG A 437 9.74 1.45 -3.87
C ARG A 437 8.41 2.16 -3.65
N HIS A 438 7.29 1.46 -3.78
CA HIS A 438 5.99 2.02 -3.43
C HIS A 438 5.14 0.95 -2.78
N LEU A 439 4.14 1.40 -2.01
CA LEU A 439 3.48 0.53 -1.04
C LEU A 439 2.79 -0.66 -1.70
N ASP A 440 1.85 -0.40 -2.60
CA ASP A 440 0.99 -1.45 -3.10
C ASP A 440 1.73 -2.54 -3.87
N ALA A 441 3.04 -2.40 -4.04
CA ALA A 441 3.85 -3.42 -4.68
C ALA A 441 4.22 -4.56 -3.73
N CYS A 442 3.92 -4.49 -2.44
CA CYS A 442 4.37 -5.53 -1.54
C CYS A 442 3.50 -6.79 -1.60
N GLU A 443 2.35 -6.73 -2.27
CA GLU A 443 1.45 -7.86 -2.30
C GLU A 443 1.49 -8.67 -3.59
N THR A 444 1.82 -8.04 -4.73
CA THR A 444 1.57 -8.65 -6.02
C THR A 444 2.29 -9.98 -6.18
N MET A 445 3.55 -10.04 -5.77
CA MET A 445 4.34 -11.25 -5.97
C MET A 445 3.79 -12.44 -5.21
N GLY A 446 2.89 -12.21 -4.25
CA GLY A 446 2.26 -13.32 -3.58
C GLY A 446 1.40 -14.17 -4.50
N ASN A 447 0.77 -13.55 -5.50
CA ASN A 447 -0.16 -14.25 -6.38
C ASN A 447 0.33 -14.36 -7.81
N ALA A 448 1.65 -14.24 -8.02
CA ALA A 448 2.19 -14.30 -9.37
C ALA A 448 2.15 -15.74 -9.88
N THR A 449 1.82 -15.89 -11.16
CA THR A 449 1.75 -17.20 -11.79
C THR A 449 2.89 -17.45 -12.77
N ALA A 450 3.70 -16.45 -13.09
CA ALA A 450 4.76 -16.60 -14.07
C ALA A 450 5.89 -15.63 -13.75
N ILE A 451 7.10 -16.03 -14.12
CA ILE A 451 8.28 -15.17 -14.06
C ILE A 451 8.99 -15.26 -15.41
N CYS A 452 9.31 -14.10 -15.98
CA CYS A 452 10.14 -14.00 -17.19
C CYS A 452 11.46 -13.40 -16.77
N SER A 453 12.56 -14.11 -17.00
CA SER A 453 13.83 -13.78 -16.39
C SER A 453 14.90 -13.54 -17.44
N ASP A 454 15.71 -12.51 -17.21
CA ASP A 454 16.88 -12.22 -18.03
C ASP A 454 18.01 -13.17 -17.64
N LYS A 455 18.84 -13.54 -18.62
CA LYS A 455 19.92 -14.47 -18.32
C LYS A 455 21.16 -13.81 -17.73
N THR A 456 21.83 -12.97 -18.50
CA THR A 456 23.15 -12.48 -18.12
C THR A 456 23.03 -11.41 -17.04
N GLY A 457 23.76 -11.60 -15.94
CA GLY A 457 23.68 -10.68 -14.83
C GLY A 457 22.69 -11.12 -13.78
N THR A 458 21.54 -11.60 -14.22
CA THR A 458 20.48 -12.05 -13.32
C THR A 458 20.68 -13.49 -12.87
N LEU A 459 20.75 -14.43 -13.81
CA LEU A 459 20.96 -15.83 -13.47
C LEU A 459 22.42 -16.26 -13.54
N THR A 460 23.30 -15.41 -14.07
CA THR A 460 24.73 -15.69 -14.12
C THR A 460 25.47 -14.53 -13.48
N THR A 461 26.74 -14.74 -13.19
CA THR A 461 27.54 -13.72 -12.53
C THR A 461 28.12 -12.70 -13.49
N ASN A 462 28.05 -12.95 -14.79
CA ASN A 462 28.56 -12.03 -15.81
C ASN A 462 30.07 -11.82 -15.69
N ARG A 463 30.79 -12.84 -15.21
CA ARG A 463 32.24 -12.82 -15.19
C ARG A 463 32.75 -14.08 -15.87
N MET A 464 33.68 -13.91 -16.80
CA MET A 464 34.27 -15.06 -17.48
C MET A 464 35.21 -15.77 -16.53
N THR A 465 34.93 -17.03 -16.23
CA THR A 465 35.56 -17.75 -15.13
C THR A 465 36.00 -19.13 -15.60
N VAL A 466 37.20 -19.54 -15.19
CA VAL A 466 37.67 -20.91 -15.42
C VAL A 466 37.04 -21.82 -14.37
N VAL A 467 36.20 -22.75 -14.83
CA VAL A 467 35.49 -23.63 -13.90
C VAL A 467 36.16 -25.00 -13.82
N GLN A 468 36.60 -25.55 -14.94
CA GLN A 468 37.22 -26.87 -14.97
C GLN A 468 38.65 -26.76 -15.47
N ALA A 469 39.48 -27.72 -15.06
CA ALA A 469 40.89 -27.70 -15.39
C ALA A 469 41.39 -29.08 -15.78
N TYR A 470 42.37 -29.12 -16.68
CA TYR A 470 43.13 -30.34 -16.98
C TYR A 470 44.62 -30.03 -16.88
N VAL A 471 45.18 -30.33 -15.72
CA VAL A 471 46.60 -30.16 -15.45
C VAL A 471 47.11 -31.42 -14.75
N GLY A 472 48.38 -31.74 -14.97
CA GLY A 472 49.01 -32.88 -14.32
C GLY A 472 48.36 -34.21 -14.61
N ASP A 473 47.61 -34.33 -15.71
CA ASP A 473 46.84 -35.51 -16.07
C ASP A 473 45.76 -35.83 -15.05
N VAL A 474 45.29 -34.85 -14.29
CA VAL A 474 44.19 -35.05 -13.35
C VAL A 474 43.11 -34.02 -13.67
N HIS A 475 41.90 -34.51 -13.95
CA HIS A 475 40.77 -33.63 -14.23
C HIS A 475 40.29 -32.97 -12.95
N TYR A 476 40.10 -31.66 -13.00
CA TYR A 476 39.59 -30.88 -11.87
C TYR A 476 38.23 -30.33 -12.28
N LYS A 477 37.17 -30.96 -11.75
CA LYS A 477 35.85 -30.36 -11.83
C LYS A 477 35.70 -29.17 -10.89
N GLU A 478 36.65 -28.97 -10.00
CA GLU A 478 36.65 -27.84 -9.08
C GLU A 478 38.08 -27.32 -8.98
N ILE A 479 38.22 -26.04 -8.63
CA ILE A 479 39.55 -25.43 -8.58
C ILE A 479 40.38 -26.10 -7.50
N PRO A 480 41.62 -26.49 -7.79
CA PRO A 480 42.41 -27.24 -6.80
C PRO A 480 42.92 -26.33 -5.68
N ASP A 481 43.49 -26.99 -4.67
CA ASP A 481 44.08 -26.27 -3.55
C ASP A 481 45.41 -25.63 -3.97
N PRO A 482 45.78 -24.52 -3.33
CA PRO A 482 47.10 -23.93 -3.61
C PRO A 482 48.22 -24.90 -3.24
N SER A 483 49.19 -25.03 -4.15
CA SER A 483 50.32 -25.94 -3.97
C SER A 483 49.86 -27.39 -3.84
N SER A 484 48.71 -27.73 -4.43
CA SER A 484 48.25 -29.11 -4.46
C SER A 484 48.85 -29.89 -5.62
N ILE A 485 49.59 -29.23 -6.50
CA ILE A 485 50.22 -29.87 -7.65
C ILE A 485 51.68 -29.44 -7.69
N ASN A 486 52.42 -29.89 -8.71
CA ASN A 486 53.84 -29.58 -8.83
C ASN A 486 54.06 -28.08 -8.82
N ALA A 487 54.99 -27.63 -7.97
CA ALA A 487 55.29 -26.20 -7.87
C ALA A 487 55.96 -25.68 -9.13
N LYS A 488 56.80 -26.50 -9.78
CA LYS A 488 57.38 -26.09 -11.05
C LYS A 488 56.29 -25.86 -12.09
N THR A 489 55.30 -26.76 -12.15
CA THR A 489 54.19 -26.58 -13.07
C THR A 489 53.40 -25.32 -12.75
N LEU A 490 53.17 -25.06 -11.46
CA LEU A 490 52.42 -23.87 -11.07
C LEU A 490 53.15 -22.60 -11.50
N GLU A 491 54.46 -22.53 -11.22
CA GLU A 491 55.24 -21.37 -11.59
C GLU A 491 55.25 -21.18 -13.11
N LEU A 492 55.44 -22.27 -13.84
CA LEU A 492 55.47 -22.19 -15.30
C LEU A 492 54.14 -21.72 -15.85
N LEU A 493 53.03 -22.24 -15.31
CA LEU A 493 51.71 -21.82 -15.76
C LEU A 493 51.46 -20.34 -15.48
N VAL A 494 51.79 -19.90 -14.26
CA VAL A 494 51.57 -18.50 -13.91
C VAL A 494 52.38 -17.59 -14.82
N ASN A 495 53.66 -17.90 -15.00
CA ASN A 495 54.52 -17.08 -15.85
C ASN A 495 54.02 -17.10 -17.29
N ALA A 496 53.59 -18.27 -17.77
CA ALA A 496 53.11 -18.39 -19.14
C ALA A 496 51.91 -17.46 -19.36
N ILE A 497 50.90 -17.57 -18.50
CA ILE A 497 49.70 -16.76 -18.68
C ILE A 497 50.04 -15.27 -18.57
N ALA A 498 50.81 -14.90 -17.54
CA ALA A 498 51.10 -13.49 -17.29
C ALA A 498 51.87 -12.88 -18.45
N ILE A 499 52.95 -13.52 -18.89
CA ILE A 499 53.78 -12.95 -19.94
C ILE A 499 53.08 -13.00 -21.28
N ASN A 500 52.46 -14.15 -21.60
CA ASN A 500 51.74 -14.29 -22.87
C ASN A 500 50.67 -13.21 -23.00
N SER A 501 50.01 -12.87 -21.88
CA SER A 501 49.05 -11.77 -21.86
C SER A 501 49.59 -10.55 -22.58
N ALA A 502 50.63 -9.93 -22.01
CA ALA A 502 51.36 -8.82 -22.63
C ALA A 502 50.45 -7.70 -23.10
N TYR A 503 49.23 -7.64 -22.58
CA TYR A 503 48.19 -6.76 -23.09
C TYR A 503 47.58 -5.98 -21.93
N THR A 504 46.81 -4.95 -22.27
CA THR A 504 46.35 -3.97 -21.29
C THR A 504 45.35 -4.54 -20.29
N THR A 505 44.86 -5.75 -20.47
CA THR A 505 43.88 -6.33 -19.56
C THR A 505 44.40 -6.37 -18.14
N LYS A 506 43.57 -5.94 -17.19
CA LYS A 506 43.89 -6.03 -15.78
C LYS A 506 42.61 -6.31 -15.00
N ILE A 507 42.77 -6.70 -13.74
CA ILE A 507 41.67 -6.91 -12.82
C ILE A 507 41.63 -5.73 -11.86
N LEU A 508 40.43 -5.34 -11.45
CA LEU A 508 40.20 -4.11 -10.72
C LEU A 508 39.42 -4.39 -9.43
N PRO A 509 39.51 -3.51 -8.44
CA PRO A 509 38.71 -3.68 -7.22
C PRO A 509 37.24 -3.48 -7.51
N PRO A 510 36.36 -4.03 -6.66
CA PRO A 510 34.92 -3.93 -6.93
C PRO A 510 34.41 -2.50 -7.09
N GLU A 511 34.94 -1.56 -6.30
CA GLU A 511 34.57 -0.15 -6.33
C GLU A 511 33.14 0.07 -5.83
N LYS A 512 32.44 -1.01 -5.50
CA LYS A 512 31.07 -0.95 -5.01
C LYS A 512 30.94 -1.85 -3.79
N GLU A 513 29.74 -1.91 -3.24
CA GLU A 513 29.44 -2.84 -2.17
C GLU A 513 29.17 -4.23 -2.75
N GLY A 514 29.71 -5.25 -2.09
CA GLY A 514 29.50 -6.65 -2.45
C GLY A 514 29.50 -6.96 -3.94
N ALA A 515 30.40 -6.33 -4.67
CA ALA A 515 30.48 -6.50 -6.12
C ALA A 515 31.70 -7.35 -6.46
N LEU A 516 31.64 -8.00 -7.61
CA LEU A 516 32.78 -8.76 -8.08
C LEU A 516 33.81 -7.84 -8.72
N PRO A 517 35.08 -8.24 -8.73
CA PRO A 517 36.09 -7.48 -9.49
C PRO A 517 35.68 -7.26 -10.93
N ARG A 518 36.04 -6.11 -11.50
CA ARG A 518 35.58 -5.73 -12.83
C ARG A 518 36.68 -6.00 -13.84
N GLN A 519 36.35 -6.79 -14.87
CA GLN A 519 37.27 -7.11 -15.95
C GLN A 519 37.12 -6.06 -17.05
N VAL A 520 38.19 -5.32 -17.32
CA VAL A 520 38.11 -4.22 -18.28
C VAL A 520 38.44 -4.65 -19.70
N GLY A 521 39.37 -5.59 -19.87
CA GLY A 521 39.82 -5.98 -21.18
C GLY A 521 38.97 -7.08 -21.80
N ASN A 522 39.60 -7.82 -22.72
CA ASN A 522 38.95 -8.94 -23.37
C ASN A 522 38.56 -10.00 -22.34
N LYS A 523 37.42 -10.65 -22.57
CA LYS A 523 36.82 -11.52 -21.56
C LYS A 523 37.68 -12.75 -21.29
N THR A 524 38.09 -13.44 -22.36
CA THR A 524 38.81 -14.70 -22.20
C THR A 524 40.11 -14.51 -21.44
N GLU A 525 40.89 -13.50 -21.82
CA GLU A 525 42.17 -13.25 -21.17
C GLU A 525 41.98 -12.91 -19.70
N CYS A 526 40.97 -12.10 -19.39
CA CYS A 526 40.64 -11.82 -18.00
C CYS A 526 40.21 -13.08 -17.24
N GLY A 527 39.64 -14.06 -17.95
CA GLY A 527 39.32 -15.32 -17.30
C GLY A 527 40.55 -16.01 -16.73
N LEU A 528 41.62 -16.09 -17.53
CA LEU A 528 42.85 -16.71 -17.04
C LEU A 528 43.57 -15.84 -16.02
N LEU A 529 43.51 -14.52 -16.20
CA LEU A 529 44.08 -13.61 -15.22
C LEU A 529 43.41 -13.78 -13.86
N GLY A 530 42.10 -14.02 -13.84
CA GLY A 530 41.43 -14.35 -12.59
C GLY A 530 41.65 -15.76 -12.12
N PHE A 531 41.90 -16.69 -13.04
CA PHE A 531 42.19 -18.07 -12.65
C PHE A 531 43.48 -18.17 -11.86
N VAL A 532 44.53 -17.48 -12.31
CA VAL A 532 45.81 -17.56 -11.61
C VAL A 532 45.66 -17.05 -10.19
N LEU A 533 44.91 -15.96 -10.00
CA LEU A 533 44.64 -15.46 -8.66
C LEU A 533 43.73 -16.39 -7.86
N ASP A 534 42.80 -17.08 -8.53
CA ASP A 534 41.96 -18.05 -7.86
C ASP A 534 42.75 -19.27 -7.41
N LEU A 535 43.94 -19.48 -7.97
CA LEU A 535 44.89 -20.44 -7.41
C LEU A 535 45.61 -19.91 -6.18
N ARG A 536 45.14 -18.79 -5.62
CA ARG A 536 45.71 -18.18 -4.41
C ARG A 536 47.19 -17.87 -4.57
N GLN A 537 47.63 -17.62 -5.81
CA GLN A 537 49.00 -17.22 -6.11
C GLN A 537 48.95 -15.89 -6.85
N ASP A 538 49.63 -14.89 -6.31
CA ASP A 538 49.59 -13.55 -6.85
C ASP A 538 50.49 -13.45 -8.08
N TYR A 539 50.03 -12.73 -9.10
CA TYR A 539 50.75 -12.59 -10.36
C TYR A 539 51.28 -11.18 -10.59
N GLU A 540 50.97 -10.23 -9.72
CA GLU A 540 51.25 -8.83 -10.03
C GLU A 540 52.73 -8.51 -10.22
N PRO A 541 53.66 -9.02 -9.41
CA PRO A 541 55.07 -8.67 -9.63
C PRO A 541 55.72 -9.43 -10.77
N VAL A 542 55.21 -10.61 -11.10
CA VAL A 542 55.80 -11.46 -12.13
C VAL A 542 55.81 -10.73 -13.47
N ARG A 543 54.65 -10.19 -13.85
CA ARG A 543 54.58 -9.41 -15.08
C ARG A 543 55.45 -8.16 -14.99
N SER A 544 55.44 -7.50 -13.84
CA SER A 544 56.22 -6.27 -13.66
C SER A 544 57.72 -6.53 -13.78
N GLN A 545 58.17 -7.78 -13.61
CA GLN A 545 59.56 -8.10 -13.84
C GLN A 545 59.98 -7.77 -15.26
N MET A 546 59.12 -8.07 -16.23
CA MET A 546 59.41 -7.80 -17.64
C MET A 546 58.51 -6.68 -18.14
N PRO A 547 59.00 -5.44 -18.25
CA PRO A 547 58.21 -4.38 -18.88
C PRO A 547 58.03 -4.67 -20.36
N GLU A 548 56.90 -4.18 -20.91
CA GLU A 548 56.61 -4.40 -22.31
C GLU A 548 57.64 -3.77 -23.24
N GLU A 549 58.55 -2.95 -22.72
CA GLU A 549 59.66 -2.47 -23.52
C GLU A 549 60.65 -3.60 -23.82
N LYS A 550 60.93 -4.45 -22.83
CA LYS A 550 61.81 -5.60 -23.01
C LYS A 550 61.03 -6.77 -23.63
N LEU A 551 60.53 -6.53 -24.83
CA LEU A 551 59.63 -7.45 -25.49
C LEU A 551 60.11 -7.70 -26.92
N TYR A 552 59.62 -8.79 -27.51
CA TYR A 552 60.16 -9.33 -28.76
C TYR A 552 59.04 -9.78 -29.68
N LYS A 553 59.36 -10.63 -30.66
CA LYS A 553 58.44 -11.05 -31.70
C LYS A 553 57.08 -11.46 -31.13
N VAL A 554 56.04 -10.70 -31.46
CA VAL A 554 54.67 -10.96 -31.00
C VAL A 554 53.73 -10.77 -32.18
N TYR A 555 52.84 -11.74 -32.38
CA TYR A 555 51.74 -11.62 -33.34
C TYR A 555 50.42 -11.69 -32.58
N THR A 556 49.60 -10.65 -32.74
CA THR A 556 48.42 -10.46 -31.91
C THR A 556 47.16 -10.95 -32.61
N PHE A 557 46.45 -11.84 -31.94
CA PHE A 557 45.15 -12.40 -32.33
C PHE A 557 45.27 -13.38 -33.49
N ASN A 558 46.44 -13.40 -34.13
CA ASN A 558 46.84 -14.39 -35.15
C ASN A 558 45.64 -14.85 -35.99
N SER A 559 45.11 -13.90 -36.77
CA SER A 559 43.87 -14.13 -37.52
C SER A 559 43.91 -15.40 -38.36
N VAL A 560 45.08 -15.97 -38.59
CA VAL A 560 45.19 -17.24 -39.32
C VAL A 560 44.64 -18.36 -38.45
N ARG A 561 45.16 -18.51 -37.23
CA ARG A 561 44.77 -19.59 -36.34
C ARG A 561 44.02 -19.12 -35.10
N LYS A 562 43.90 -17.80 -34.90
CA LYS A 562 43.26 -17.23 -33.71
C LYS A 562 43.95 -17.66 -32.43
N SER A 563 45.26 -17.91 -32.50
CA SER A 563 46.05 -18.38 -31.36
C SER A 563 47.21 -17.43 -31.14
N MET A 564 47.30 -16.86 -29.94
CA MET A 564 48.20 -15.74 -29.67
C MET A 564 49.44 -16.23 -28.93
N SER A 565 50.61 -15.83 -29.41
CA SER A 565 51.91 -16.33 -28.96
C SER A 565 52.91 -15.19 -28.82
N THR A 566 53.90 -15.41 -27.93
CA THR A 566 54.91 -14.43 -27.60
C THR A 566 56.25 -15.14 -27.36
N VAL A 567 57.34 -14.37 -27.39
CA VAL A 567 58.68 -14.85 -27.07
C VAL A 567 59.34 -13.90 -26.07
N ILE A 568 60.12 -14.48 -25.16
CA ILE A 568 60.70 -13.79 -24.02
C ILE A 568 62.12 -14.30 -23.80
N LYS A 569 63.08 -13.39 -23.55
CA LYS A 569 64.50 -13.74 -23.61
C LYS A 569 65.30 -13.37 -22.37
N MET A 570 64.70 -13.27 -21.16
CA MET A 570 65.54 -13.04 -20.00
C MET A 570 66.37 -14.24 -19.57
N PRO A 571 65.83 -15.47 -19.43
CA PRO A 571 66.58 -16.52 -18.71
C PRO A 571 68.00 -16.74 -19.23
N ASP A 572 68.15 -17.00 -20.51
CA ASP A 572 69.46 -17.08 -21.13
C ASP A 572 69.30 -16.72 -22.61
N GLU A 573 70.34 -17.01 -23.39
CA GLU A 573 70.24 -16.83 -24.84
C GLU A 573 69.16 -17.74 -25.43
N SER A 574 68.85 -18.84 -24.77
CA SER A 574 67.77 -19.71 -25.21
C SER A 574 66.42 -19.07 -24.93
N PHE A 575 65.85 -18.40 -25.93
CA PHE A 575 64.61 -17.68 -25.77
C PHE A 575 63.41 -18.62 -25.68
N ARG A 576 62.46 -18.24 -24.83
CA ARG A 576 61.32 -19.06 -24.43
C ARG A 576 60.04 -18.56 -25.10
N MET A 577 59.26 -19.48 -25.65
CA MET A 577 58.02 -19.15 -26.33
C MET A 577 56.80 -19.58 -25.52
N TYR A 578 55.80 -18.69 -25.46
CA TYR A 578 54.55 -18.92 -24.74
C TYR A 578 53.39 -18.70 -25.71
N SER A 579 52.57 -19.73 -25.94
CA SER A 579 51.47 -19.63 -26.90
C SER A 579 50.20 -20.21 -26.29
N LYS A 580 49.09 -19.46 -26.38
CA LYS A 580 47.80 -19.96 -25.92
C LYS A 580 46.77 -19.81 -27.03
N GLY A 581 45.81 -20.71 -27.07
CA GLY A 581 44.79 -20.62 -28.09
C GLY A 581 43.74 -21.70 -27.95
N ALA A 582 42.80 -21.69 -28.89
CA ALA A 582 41.69 -22.64 -28.87
C ALA A 582 42.21 -24.07 -28.99
N SER A 583 41.53 -25.00 -28.31
CA SER A 583 41.98 -26.38 -28.28
C SER A 583 42.01 -27.00 -29.66
N GLU A 584 40.96 -26.78 -30.46
CA GLU A 584 40.86 -27.42 -31.77
C GLU A 584 42.03 -27.07 -32.68
N ILE A 585 42.63 -25.90 -32.48
CA ILE A 585 43.78 -25.47 -33.27
C ILE A 585 45.07 -25.97 -32.65
N VAL A 586 45.25 -25.68 -31.36
CA VAL A 586 46.57 -25.79 -30.75
C VAL A 586 46.90 -27.22 -30.31
N LEU A 587 45.90 -28.02 -29.93
CA LEU A 587 46.16 -29.32 -29.33
C LEU A 587 47.03 -30.23 -30.20
N LYS A 588 46.63 -30.42 -31.47
CA LYS A 588 47.35 -31.36 -32.33
C LYS A 588 48.77 -30.88 -32.63
N LYS A 589 49.05 -29.59 -32.46
CA LYS A 589 50.39 -29.09 -32.69
C LYS A 589 51.31 -29.31 -31.48
N CYS A 590 50.78 -29.83 -30.38
CA CYS A 590 51.60 -30.09 -29.21
C CYS A 590 52.24 -31.47 -29.28
N CYS A 591 53.33 -31.64 -28.55
CA CYS A 591 54.08 -32.89 -28.56
C CYS A 591 54.46 -33.40 -27.17
N LYS A 592 54.29 -32.62 -26.11
CA LYS A 592 54.64 -33.05 -24.76
C LYS A 592 53.56 -32.69 -23.77
N ILE A 593 53.24 -33.63 -22.89
CA ILE A 593 52.35 -33.42 -21.75
C ILE A 593 53.19 -33.57 -20.49
N LEU A 594 53.29 -32.50 -19.70
CA LEU A 594 53.94 -32.57 -18.40
C LEU A 594 52.94 -33.10 -17.39
N SER A 595 53.20 -34.29 -16.85
CA SER A 595 52.24 -34.99 -16.00
C SER A 595 52.81 -35.09 -14.59
N GLY A 596 52.18 -34.41 -13.64
CA GLY A 596 52.64 -34.41 -12.28
C GLY A 596 53.98 -33.72 -12.13
N ALA A 597 54.70 -34.13 -11.09
CA ALA A 597 56.09 -33.69 -10.94
C ALA A 597 56.99 -34.27 -12.02
N GLY A 598 56.53 -35.28 -12.75
CA GLY A 598 57.36 -35.90 -13.76
C GLY A 598 57.58 -35.03 -14.97
N GLU A 599 58.64 -35.35 -15.71
CA GLU A 599 58.99 -34.61 -16.92
C GLU A 599 57.96 -34.88 -18.02
N ALA A 600 57.87 -33.95 -18.96
CA ALA A 600 56.88 -34.00 -20.02
C ALA A 600 57.15 -35.19 -20.94
N ARG A 601 56.14 -36.05 -21.10
CA ARG A 601 56.23 -37.19 -22.00
C ARG A 601 55.61 -36.87 -23.36
N VAL A 602 56.14 -37.52 -24.40
CA VAL A 602 55.65 -37.31 -25.75
C VAL A 602 54.26 -37.93 -25.90
N PHE A 603 53.42 -37.34 -26.75
CA PHE A 603 52.11 -37.90 -27.04
C PHE A 603 51.76 -37.70 -28.50
N ARG A 604 50.81 -38.49 -28.98
CA ARG A 604 50.27 -38.54 -30.33
C ARG A 604 48.84 -39.06 -30.25
N PRO A 605 48.12 -39.21 -31.36
CA PRO A 605 46.86 -39.99 -31.29
C PRO A 605 47.11 -41.33 -30.61
N ARG A 606 46.12 -41.73 -29.80
CA ARG A 606 46.05 -42.82 -28.80
C ARG A 606 46.85 -42.42 -27.56
N ASP A 607 47.58 -41.31 -27.63
CA ASP A 607 48.12 -40.65 -26.45
C ASP A 607 47.53 -39.26 -26.26
N ARG A 608 46.88 -38.72 -27.29
CA ARG A 608 45.99 -37.57 -27.18
C ARG A 608 44.55 -37.90 -27.55
N ASP A 609 44.29 -39.06 -28.14
CA ASP A 609 42.92 -39.44 -28.45
C ASP A 609 42.15 -39.92 -27.23
N GLU A 610 42.84 -40.33 -26.17
CA GLU A 610 42.14 -40.82 -24.98
C GLU A 610 41.58 -39.66 -24.16
N MET A 611 42.30 -38.54 -24.09
CA MET A 611 41.77 -37.37 -23.41
C MET A 611 40.52 -36.86 -24.12
N VAL A 612 40.56 -36.85 -25.45
CA VAL A 612 39.33 -36.66 -26.22
C VAL A 612 38.33 -37.75 -25.83
N LYS A 613 37.08 -37.34 -25.61
CA LYS A 613 35.97 -38.21 -25.23
C LYS A 613 36.09 -38.69 -23.78
N LYS A 614 37.18 -38.33 -23.11
CA LYS A 614 37.28 -38.52 -21.67
C LYS A 614 37.43 -37.20 -20.92
N VAL A 615 37.96 -36.17 -21.59
CA VAL A 615 38.21 -34.87 -20.99
C VAL A 615 37.57 -33.74 -21.80
N ILE A 616 37.86 -33.68 -23.09
CA ILE A 616 37.42 -32.54 -23.89
C ILE A 616 35.90 -32.57 -24.09
N GLU A 617 35.36 -33.71 -24.53
CA GLU A 617 33.95 -33.85 -24.81
C GLU A 617 33.04 -33.53 -23.63
N PRO A 618 33.31 -34.01 -22.41
CA PRO A 618 32.49 -33.56 -21.27
C PRO A 618 32.52 -32.06 -21.08
N MET A 619 33.69 -31.44 -21.28
CA MET A 619 33.80 -29.99 -21.16
C MET A 619 32.96 -29.28 -22.21
N ALA A 620 33.02 -29.76 -23.45
CA ALA A 620 32.24 -29.13 -24.52
C ALA A 620 30.75 -29.35 -24.30
N CYS A 621 30.37 -30.49 -23.70
CA CYS A 621 28.97 -30.76 -23.41
C CYS A 621 28.49 -30.02 -22.17
N ASP A 622 29.39 -29.50 -21.36
CA ASP A 622 29.02 -28.59 -20.28
C ASP A 622 28.87 -27.15 -20.74
N GLY A 623 28.92 -26.91 -22.06
CA GLY A 623 28.88 -25.55 -22.58
C GLY A 623 30.11 -24.73 -22.25
N LEU A 624 31.29 -25.34 -22.31
CA LEU A 624 32.54 -24.69 -21.92
C LEU A 624 33.36 -24.43 -23.16
N ARG A 625 33.83 -23.20 -23.33
CA ARG A 625 34.90 -22.93 -24.27
C ARG A 625 36.21 -23.48 -23.73
N THR A 626 37.03 -24.05 -24.60
CA THR A 626 38.27 -24.71 -24.22
C THR A 626 39.46 -23.93 -24.76
N ILE A 627 40.36 -23.53 -23.87
CA ILE A 627 41.58 -22.80 -24.22
C ILE A 627 42.76 -23.56 -23.63
N CYS A 628 43.79 -23.78 -24.44
CA CYS A 628 44.97 -24.52 -24.03
C CYS A 628 46.22 -23.68 -24.18
N VAL A 629 47.17 -23.88 -23.25
CA VAL A 629 48.39 -23.11 -23.14
C VAL A 629 49.57 -24.05 -23.34
N ALA A 630 50.62 -23.56 -24.01
CA ALA A 630 51.81 -24.35 -24.28
C ALA A 630 53.03 -23.45 -24.31
N TYR A 631 54.19 -24.08 -24.14
CA TYR A 631 55.46 -23.35 -24.14
C TYR A 631 56.54 -24.17 -24.84
N ARG A 632 57.61 -23.46 -25.21
CA ARG A 632 58.81 -24.03 -25.80
C ARG A 632 60.05 -23.39 -25.20
N ASP A 633 61.10 -24.17 -25.03
CA ASP A 633 62.44 -23.64 -24.77
C ASP A 633 63.39 -24.29 -25.79
N PHE A 634 63.81 -23.51 -26.78
CA PHE A 634 64.78 -23.98 -27.77
C PHE A 634 65.91 -22.96 -27.90
N PRO A 635 67.18 -23.38 -27.81
CA PRO A 635 68.29 -22.43 -27.90
C PRO A 635 68.71 -22.13 -29.35
N SER A 636 67.83 -22.40 -30.30
CA SER A 636 68.18 -22.22 -31.71
C SER A 636 68.50 -20.76 -32.02
N SER A 637 69.18 -20.55 -33.15
CA SER A 637 69.55 -19.21 -33.56
C SER A 637 68.30 -18.36 -33.74
N PRO A 638 68.32 -17.09 -33.34
CA PRO A 638 67.10 -16.27 -33.36
C PRO A 638 66.57 -16.06 -34.77
N GLU A 639 65.32 -16.46 -34.99
CA GLU A 639 64.66 -16.31 -36.29
C GLU A 639 63.27 -15.70 -36.08
N PRO A 640 63.21 -14.47 -35.53
CA PRO A 640 61.91 -13.83 -35.25
C PRO A 640 61.42 -12.97 -36.41
N ASP A 641 61.26 -13.58 -37.59
CA ASP A 641 60.93 -12.82 -38.78
C ASP A 641 59.45 -12.41 -38.84
N TRP A 642 58.58 -13.07 -38.09
CA TRP A 642 57.12 -12.93 -38.16
C TRP A 642 56.58 -13.57 -39.44
N ASP A 643 57.49 -14.03 -40.30
CA ASP A 643 57.10 -14.77 -41.50
C ASP A 643 57.57 -16.22 -41.46
N ASN A 644 58.62 -16.52 -40.70
CA ASN A 644 59.09 -17.88 -40.49
C ASN A 644 58.65 -18.34 -39.12
N GLU A 645 57.39 -18.80 -39.03
CA GLU A 645 56.80 -19.15 -37.75
C GLU A 645 56.08 -20.49 -37.83
N ASN A 646 55.76 -20.95 -39.04
CA ASN A 646 55.02 -22.19 -39.22
C ASN A 646 55.82 -23.37 -38.67
N ASP A 647 57.11 -23.44 -38.99
CA ASP A 647 57.96 -24.47 -38.43
C ASP A 647 58.11 -24.32 -36.92
N ILE A 648 58.02 -23.07 -36.41
CA ILE A 648 58.10 -22.85 -34.98
C ILE A 648 56.84 -23.34 -34.27
N LEU A 649 55.66 -23.16 -34.86
CA LEU A 649 54.41 -23.44 -34.17
C LEU A 649 54.12 -24.93 -34.01
N ASN A 650 55.09 -25.80 -34.24
CA ASN A 650 54.93 -27.21 -33.93
C ASN A 650 55.75 -27.59 -32.70
N GLU A 651 55.71 -28.87 -32.34
CA GLU A 651 56.31 -29.41 -31.11
C GLU A 651 56.10 -28.48 -29.91
N LEU A 652 54.83 -28.18 -29.62
CA LEU A 652 54.46 -27.44 -28.42
C LEU A 652 54.64 -28.31 -27.18
N THR A 653 54.73 -27.65 -26.02
CA THR A 653 54.66 -28.34 -24.74
C THR A 653 53.38 -27.85 -24.05
N CYS A 654 52.32 -28.64 -24.16
CA CYS A 654 50.99 -28.29 -23.66
C CYS A 654 50.95 -28.47 -22.15
N ILE A 655 50.78 -27.37 -21.42
CA ILE A 655 50.82 -27.45 -19.96
C ILE A 655 49.44 -27.78 -19.40
N CYS A 656 48.38 -27.20 -19.96
CA CYS A 656 47.05 -27.41 -19.42
C CYS A 656 45.99 -27.12 -20.48
N VAL A 657 44.77 -27.55 -20.17
CA VAL A 657 43.57 -27.15 -20.90
C VAL A 657 42.53 -26.71 -19.87
N VAL A 658 41.93 -25.55 -20.09
CA VAL A 658 40.97 -24.99 -19.14
C VAL A 658 39.61 -24.84 -19.83
N GLY A 659 38.58 -24.69 -19.00
CA GLY A 659 37.24 -24.41 -19.47
C GLY A 659 36.72 -23.11 -18.90
N ILE A 660 36.28 -22.20 -19.76
CA ILE A 660 35.84 -20.87 -19.36
C ILE A 660 34.34 -20.75 -19.65
N GLU A 661 33.62 -20.16 -18.71
CA GLU A 661 32.18 -20.00 -18.87
C GLU A 661 31.75 -18.76 -18.08
N ASP A 662 30.54 -18.29 -18.36
CA ASP A 662 29.83 -17.35 -17.51
C ASP A 662 28.94 -18.16 -16.57
N PRO A 663 29.35 -18.37 -15.33
CA PRO A 663 28.71 -19.41 -14.50
C PRO A 663 27.41 -18.94 -13.85
N VAL A 664 26.51 -19.89 -13.65
CA VAL A 664 25.28 -19.65 -12.91
C VAL A 664 25.62 -19.22 -11.48
N ARG A 665 24.79 -18.35 -10.92
CA ARG A 665 24.92 -18.00 -9.51
C ARG A 665 24.69 -19.24 -8.65
N PRO A 666 25.37 -19.35 -7.50
CA PRO A 666 25.26 -20.57 -6.70
C PRO A 666 23.85 -20.92 -6.25
N GLU A 667 23.04 -19.93 -5.89
CA GLU A 667 21.75 -20.19 -5.27
C GLU A 667 20.59 -20.25 -6.26
N VAL A 668 20.84 -20.06 -7.55
CA VAL A 668 19.74 -19.98 -8.51
C VAL A 668 18.96 -21.29 -8.62
N PRO A 669 19.59 -22.46 -8.79
CA PRO A 669 18.79 -23.68 -9.00
C PRO A 669 17.81 -24.00 -7.88
N GLU A 670 18.22 -23.81 -6.63
CA GLU A 670 17.32 -24.15 -5.52
C GLU A 670 16.19 -23.15 -5.40
N ALA A 671 16.48 -21.87 -5.63
CA ALA A 671 15.44 -20.86 -5.65
C ALA A 671 14.42 -21.14 -6.74
N ILE A 672 14.89 -21.56 -7.91
CA ILE A 672 13.96 -21.87 -9.00
C ILE A 672 13.12 -23.09 -8.67
N ARG A 673 13.72 -24.09 -8.01
CA ARG A 673 12.95 -25.27 -7.61
C ARG A 673 11.88 -24.91 -6.60
N LYS A 674 12.20 -24.05 -5.63
CA LYS A 674 11.19 -23.58 -4.68
C LYS A 674 10.10 -22.78 -5.37
N CYS A 675 10.46 -21.92 -6.33
CA CYS A 675 9.46 -21.14 -7.04
C CYS A 675 8.54 -22.03 -7.86
N GLN A 676 9.06 -23.14 -8.39
CA GLN A 676 8.20 -24.05 -9.14
C GLN A 676 7.31 -24.88 -8.22
N ARG A 677 7.75 -25.16 -7.00
CA ARG A 677 6.84 -25.84 -6.07
C ARG A 677 5.67 -24.96 -5.63
N ALA A 678 5.78 -23.65 -5.82
CA ALA A 678 4.73 -22.72 -5.41
C ALA A 678 3.73 -22.44 -6.51
N GLY A 679 3.84 -23.11 -7.65
CA GLY A 679 2.89 -22.92 -8.73
C GLY A 679 3.27 -21.84 -9.73
N ILE A 680 4.56 -21.54 -9.85
CA ILE A 680 5.05 -20.49 -10.74
C ILE A 680 5.83 -21.13 -11.88
N THR A 681 5.66 -20.59 -13.09
CA THR A 681 6.35 -21.05 -14.28
C THR A 681 7.44 -20.05 -14.64
N VAL A 682 8.65 -20.53 -14.86
CA VAL A 682 9.82 -19.68 -15.08
C VAL A 682 10.25 -19.82 -16.55
N ARG A 683 10.41 -18.68 -17.21
CA ARG A 683 10.84 -18.63 -18.61
C ARG A 683 12.08 -17.75 -18.73
N MET A 684 12.92 -18.07 -19.71
CA MET A 684 14.12 -17.31 -20.01
C MET A 684 13.89 -16.48 -21.27
N VAL A 685 14.11 -15.17 -21.16
CA VAL A 685 14.04 -14.26 -22.28
C VAL A 685 15.38 -13.52 -22.33
N THR A 686 16.22 -13.86 -23.31
CA THR A 686 17.59 -13.40 -23.33
C THR A 686 17.91 -12.77 -24.68
N GLY A 687 18.93 -11.91 -24.68
CA GLY A 687 19.50 -11.32 -25.87
C GLY A 687 20.70 -12.05 -26.44
N ASP A 688 21.10 -13.17 -25.83
CA ASP A 688 22.23 -13.96 -26.28
C ASP A 688 21.78 -15.05 -27.24
N ASN A 689 22.75 -15.71 -27.86
CA ASN A 689 22.44 -16.76 -28.83
C ASN A 689 21.78 -17.94 -28.14
N ILE A 690 21.26 -18.86 -28.95
CA ILE A 690 20.36 -19.88 -28.42
C ILE A 690 21.12 -21.03 -27.77
N ASN A 691 22.38 -21.26 -28.17
CA ASN A 691 23.14 -22.37 -27.59
C ASN A 691 23.47 -22.10 -26.14
N THR A 692 24.03 -20.92 -25.85
CA THR A 692 24.33 -20.55 -24.47
C THR A 692 23.06 -20.46 -23.64
N ALA A 693 22.00 -19.91 -24.23
CA ALA A 693 20.73 -19.80 -23.53
C ALA A 693 20.21 -21.17 -23.12
N ARG A 694 20.28 -22.14 -24.03
CA ARG A 694 19.74 -23.47 -23.73
C ARG A 694 20.62 -24.21 -22.72
N ALA A 695 21.94 -24.04 -22.81
CA ALA A 695 22.82 -24.68 -21.83
C ALA A 695 22.55 -24.13 -20.43
N ILE A 696 22.50 -22.81 -20.29
CA ILE A 696 22.24 -22.22 -18.98
C ILE A 696 20.83 -22.57 -18.50
N ALA A 697 19.87 -22.70 -19.42
CA ALA A 697 18.53 -23.07 -19.02
C ALA A 697 18.48 -24.50 -18.48
N ILE A 698 19.28 -25.40 -19.05
CA ILE A 698 19.33 -26.75 -18.53
C ILE A 698 19.98 -26.77 -17.16
N LYS A 699 21.07 -26.02 -16.97
CA LYS A 699 21.73 -26.02 -15.66
C LYS A 699 20.86 -25.37 -14.59
N CYS A 700 20.12 -24.31 -14.94
CA CYS A 700 19.29 -23.61 -13.95
C CYS A 700 18.02 -24.36 -13.58
N GLY A 701 17.59 -25.33 -14.39
CA GLY A 701 16.38 -26.07 -14.12
C GLY A 701 15.16 -25.58 -14.84
N ILE A 702 15.29 -24.57 -15.70
CA ILE A 702 14.14 -24.02 -16.41
C ILE A 702 13.56 -25.05 -17.37
N ILE A 703 14.43 -25.73 -18.11
CA ILE A 703 14.02 -26.84 -18.98
C ILE A 703 14.67 -28.11 -18.45
N HIS A 704 13.85 -29.13 -18.25
CA HIS A 704 14.32 -30.46 -17.93
C HIS A 704 14.36 -31.27 -19.20
N PRO A 705 15.36 -32.11 -19.42
CA PRO A 705 15.50 -32.74 -20.74
C PRO A 705 14.39 -33.73 -21.06
N GLY A 706 13.14 -33.26 -20.96
CA GLY A 706 11.98 -34.01 -21.39
C GLY A 706 11.50 -33.71 -22.79
N GLU A 707 11.93 -32.57 -23.34
CA GLU A 707 11.72 -32.24 -24.76
C GLU A 707 10.24 -32.15 -25.11
N ASP A 708 9.51 -31.30 -24.37
CA ASP A 708 8.11 -31.02 -24.65
C ASP A 708 7.83 -29.52 -24.58
N PHE A 709 8.83 -28.71 -24.87
CA PHE A 709 8.75 -27.26 -24.75
C PHE A 709 9.23 -26.61 -26.05
N LEU A 710 9.17 -25.28 -26.09
CA LEU A 710 9.54 -24.50 -27.26
C LEU A 710 10.70 -23.59 -26.92
N CYS A 711 11.73 -23.62 -27.77
CA CYS A 711 12.84 -22.68 -27.73
C CYS A 711 12.91 -21.99 -29.09
N LEU A 712 12.87 -20.67 -29.09
CA LEU A 712 12.72 -19.89 -30.31
C LEU A 712 13.67 -18.71 -30.32
N GLU A 713 13.98 -18.22 -31.51
CA GLU A 713 14.69 -16.96 -31.66
C GLU A 713 13.70 -15.84 -31.96
N GLY A 714 14.20 -14.61 -31.91
CA GLY A 714 13.32 -13.46 -32.05
C GLY A 714 12.68 -13.36 -33.43
N LYS A 715 13.41 -13.76 -34.48
CA LYS A 715 12.87 -13.67 -35.83
C LYS A 715 11.69 -14.60 -36.02
N GLU A 716 11.84 -15.87 -35.64
CA GLU A 716 10.73 -16.81 -35.75
C GLU A 716 9.55 -16.38 -34.88
N PHE A 717 9.83 -15.88 -33.68
CA PHE A 717 8.75 -15.41 -32.81
C PHE A 717 7.98 -14.28 -33.45
N ASN A 718 8.69 -13.27 -33.99
CA ASN A 718 8.01 -12.13 -34.59
C ASN A 718 7.22 -12.55 -35.83
N ARG A 719 7.80 -13.40 -36.66
CA ARG A 719 7.10 -13.83 -37.87
C ARG A 719 5.85 -14.64 -37.53
N ARG A 720 5.96 -15.54 -36.56
CA ARG A 720 4.91 -16.53 -36.33
C ARG A 720 3.70 -15.96 -35.58
N ILE A 721 3.75 -14.73 -35.11
CA ILE A 721 2.64 -14.14 -34.39
C ILE A 721 1.96 -13.03 -35.19
N ARG A 722 2.09 -13.05 -36.51
CA ARG A 722 1.58 -11.96 -37.34
C ARG A 722 0.73 -12.51 -38.47
N ASN A 723 -0.16 -11.66 -38.98
CA ASN A 723 -1.08 -12.01 -40.05
C ASN A 723 -0.46 -11.69 -41.40
N GLU A 724 -1.27 -11.71 -42.46
CA GLU A 724 -0.76 -11.42 -43.79
C GLU A 724 -0.40 -9.95 -43.96
N LYS A 725 -1.04 -9.06 -43.20
CA LYS A 725 -0.72 -7.65 -43.23
C LYS A 725 0.34 -7.26 -42.21
N GLY A 726 0.94 -8.24 -41.53
CA GLY A 726 2.04 -7.96 -40.63
C GLY A 726 1.68 -7.16 -39.39
N GLU A 727 0.59 -7.51 -38.73
CA GLU A 727 0.24 -6.93 -37.44
C GLU A 727 -0.06 -8.04 -36.43
N ILE A 728 0.28 -7.79 -35.17
CA ILE A 728 0.22 -8.82 -34.15
C ILE A 728 -1.22 -9.15 -33.80
N GLU A 729 -1.51 -10.44 -33.66
CA GLU A 729 -2.83 -10.92 -33.29
C GLU A 729 -2.73 -11.85 -32.08
N GLN A 730 -3.57 -11.58 -31.08
CA GLN A 730 -3.51 -12.32 -29.81
C GLN A 730 -3.67 -13.82 -30.01
N GLU A 731 -4.55 -14.22 -30.94
CA GLU A 731 -4.87 -15.64 -31.09
C GLU A 731 -3.66 -16.45 -31.53
N ARG A 732 -2.65 -15.80 -32.10
CA ARG A 732 -1.44 -16.52 -32.51
C ARG A 732 -0.43 -16.55 -31.38
N ILE A 733 -0.44 -15.54 -30.50
CA ILE A 733 0.40 -15.60 -29.30
C ILE A 733 -0.10 -16.68 -28.35
N ASP A 734 -1.41 -16.93 -28.35
CA ASP A 734 -1.95 -17.94 -27.45
C ASP A 734 -1.52 -19.36 -27.81
N LYS A 735 -0.96 -19.56 -29.00
CA LYS A 735 -0.42 -20.88 -29.33
C LYS A 735 1.02 -21.02 -28.87
N ILE A 736 1.79 -19.93 -28.93
CA ILE A 736 3.21 -19.99 -28.63
C ILE A 736 3.46 -19.91 -27.12
N TRP A 737 2.82 -18.97 -26.43
CA TRP A 737 3.26 -18.66 -25.07
C TRP A 737 3.01 -19.76 -24.04
N PRO A 738 1.98 -20.61 -24.12
CA PRO A 738 1.78 -21.61 -23.05
C PRO A 738 2.93 -22.60 -22.89
N LYS A 739 3.65 -22.94 -23.94
CA LYS A 739 4.72 -23.93 -23.85
C LYS A 739 6.10 -23.39 -24.21
N LEU A 740 6.23 -22.07 -24.35
CA LEU A 740 7.51 -21.45 -24.61
C LEU A 740 8.32 -21.40 -23.33
N ARG A 741 9.60 -21.79 -23.39
CA ARG A 741 10.47 -21.73 -22.23
C ARG A 741 11.72 -20.89 -22.42
N VAL A 742 12.30 -20.88 -23.62
CA VAL A 742 13.50 -20.10 -23.90
C VAL A 742 13.22 -19.25 -25.13
N LEU A 743 13.46 -17.95 -25.01
CA LEU A 743 13.38 -17.02 -26.12
C LEU A 743 14.72 -16.30 -26.22
N ALA A 744 15.42 -16.51 -27.34
CA ALA A 744 16.78 -16.02 -27.50
C ALA A 744 16.84 -15.03 -28.64
N ARG A 745 17.89 -14.21 -28.65
CA ARG A 745 18.08 -13.15 -29.63
C ARG A 745 16.86 -12.24 -29.70
N SER A 746 16.44 -11.76 -28.54
CA SER A 746 15.25 -10.94 -28.41
C SER A 746 15.62 -9.50 -28.08
N SER A 747 14.93 -8.55 -28.71
CA SER A 747 15.14 -7.14 -28.48
C SER A 747 14.25 -6.66 -27.33
N PRO A 748 14.33 -5.39 -26.93
CA PRO A 748 13.38 -4.87 -25.94
C PRO A 748 11.92 -5.02 -26.36
N THR A 749 11.63 -4.85 -27.65
CA THR A 749 10.27 -4.96 -28.13
C THR A 749 9.74 -6.39 -28.02
N ASP A 750 10.61 -7.39 -28.21
CA ASP A 750 10.17 -8.77 -28.06
C ASP A 750 9.85 -9.12 -26.62
N LYS A 751 10.65 -8.65 -25.66
CA LYS A 751 10.34 -8.88 -24.27
C LYS A 751 9.02 -8.21 -23.89
N HIS A 752 8.83 -6.97 -24.33
CA HIS A 752 7.57 -6.27 -24.05
C HIS A 752 6.39 -7.00 -24.69
N THR A 753 6.54 -7.44 -25.94
CA THR A 753 5.47 -8.15 -26.63
C THR A 753 5.10 -9.44 -25.92
N LEU A 754 6.11 -10.19 -25.46
CA LEU A 754 5.82 -11.45 -24.78
C LEU A 754 5.08 -11.23 -23.47
N VAL A 755 5.54 -10.27 -22.65
CA VAL A 755 4.87 -10.09 -21.37
C VAL A 755 3.46 -9.54 -21.58
N LYS A 756 3.28 -8.68 -22.58
CA LYS A 756 1.94 -8.16 -22.89
C LYS A 756 1.01 -9.26 -23.37
N GLY A 757 1.53 -10.17 -24.21
CA GLY A 757 0.71 -11.27 -24.70
C GLY A 757 0.31 -12.22 -23.59
N ILE A 758 1.23 -12.52 -22.67
CA ILE A 758 0.87 -13.38 -21.55
C ILE A 758 -0.17 -12.71 -20.66
N ILE A 759 -0.04 -11.40 -20.42
CA ILE A 759 -0.99 -10.74 -19.53
C ILE A 759 -2.37 -10.65 -20.16
N ASP A 760 -2.45 -10.31 -21.45
CA ASP A 760 -3.74 -10.12 -22.10
C ASP A 760 -4.46 -11.43 -22.44
N SER A 761 -3.76 -12.56 -22.43
CA SER A 761 -4.34 -13.80 -22.90
C SER A 761 -5.48 -14.27 -22.00
N THR A 762 -6.53 -14.79 -22.61
CA THR A 762 -7.69 -15.32 -21.88
C THR A 762 -7.77 -16.84 -21.92
N HIS A 763 -6.73 -17.52 -22.41
CA HIS A 763 -6.69 -18.97 -22.41
C HIS A 763 -6.51 -19.51 -20.98
N THR A 764 -6.55 -20.84 -20.89
CA THR A 764 -6.14 -21.61 -19.71
C THR A 764 -7.08 -21.43 -18.52
N GLU A 765 -8.06 -20.54 -18.64
CA GLU A 765 -9.12 -20.27 -17.67
C GLU A 765 -8.57 -19.69 -16.38
N GLN A 766 -7.26 -19.58 -16.22
CA GLN A 766 -6.63 -18.97 -15.05
C GLN A 766 -5.86 -17.75 -15.53
N ARG A 767 -6.40 -16.57 -15.27
CA ARG A 767 -5.79 -15.35 -15.78
C ARG A 767 -4.49 -15.08 -15.05
N GLN A 768 -3.51 -14.54 -15.78
CA GLN A 768 -2.11 -14.60 -15.36
C GLN A 768 -1.64 -13.31 -14.72
N VAL A 769 -0.79 -13.45 -13.71
CA VAL A 769 -0.04 -12.35 -13.10
C VAL A 769 1.44 -12.61 -13.35
N VAL A 770 2.13 -11.65 -13.95
CA VAL A 770 3.48 -11.86 -14.47
C VAL A 770 4.46 -10.97 -13.75
N ALA A 771 5.58 -11.56 -13.32
CA ALA A 771 6.71 -10.87 -12.72
C ALA A 771 7.89 -10.91 -13.66
N VAL A 772 8.73 -9.87 -13.63
CA VAL A 772 9.90 -9.80 -14.50
C VAL A 772 11.11 -9.41 -13.67
N THR A 773 12.22 -10.13 -13.83
CA THR A 773 13.48 -9.84 -13.16
C THR A 773 14.52 -9.45 -14.19
N GLY A 774 15.28 -8.39 -13.92
CA GLY A 774 16.28 -7.95 -14.88
C GLY A 774 17.22 -6.93 -14.30
N ASP A 775 18.32 -6.69 -15.01
CA ASP A 775 19.31 -5.71 -14.58
C ASP A 775 19.82 -4.79 -15.68
N GLY A 776 19.15 -4.73 -16.83
CA GLY A 776 19.69 -3.99 -17.95
C GLY A 776 18.71 -2.95 -18.47
N THR A 777 19.23 -2.07 -19.33
CA THR A 777 18.38 -1.08 -19.98
C THR A 777 17.35 -1.74 -20.89
N ASN A 778 17.75 -2.80 -21.60
CA ASN A 778 16.83 -3.44 -22.52
C ASN A 778 15.71 -4.20 -21.79
N ASP A 779 15.83 -4.36 -20.48
CA ASP A 779 14.74 -4.89 -19.67
C ASP A 779 13.80 -3.82 -19.14
N GLY A 780 14.07 -2.56 -19.42
CA GLY A 780 13.28 -1.47 -18.90
C GLY A 780 11.81 -1.49 -19.29
N PRO A 781 11.52 -1.67 -20.59
CA PRO A 781 10.11 -1.78 -20.99
C PRO A 781 9.35 -2.92 -20.32
N ALA A 782 9.89 -4.13 -20.36
CA ALA A 782 9.20 -5.28 -19.76
C ALA A 782 9.03 -5.11 -18.26
N LEU A 783 10.07 -4.63 -17.57
CA LEU A 783 9.94 -4.36 -16.13
C LEU A 783 8.78 -3.42 -15.86
N LYS A 784 8.49 -2.52 -16.80
CA LYS A 784 7.38 -1.60 -16.63
C LYS A 784 6.04 -2.27 -16.93
N LYS A 785 6.01 -3.16 -17.92
CA LYS A 785 4.75 -3.79 -18.29
C LYS A 785 4.35 -4.87 -17.30
N ALA A 786 5.31 -5.46 -16.59
CA ALA A 786 5.02 -6.53 -15.67
C ALA A 786 4.18 -6.04 -14.51
N ASP A 787 3.44 -6.97 -13.90
CA ASP A 787 2.69 -6.64 -12.69
C ASP A 787 3.62 -6.26 -11.56
N VAL A 788 4.75 -6.95 -11.43
CA VAL A 788 5.81 -6.60 -10.51
C VAL A 788 7.16 -6.83 -11.19
N GLY A 789 8.07 -5.88 -11.02
CA GLY A 789 9.40 -5.97 -11.59
C GLY A 789 10.47 -5.91 -10.51
N PHE A 790 11.49 -6.74 -10.68
CA PHE A 790 12.63 -6.81 -9.77
C PHE A 790 13.89 -6.38 -10.50
N ALA A 791 14.65 -5.50 -9.89
CA ALA A 791 15.91 -5.04 -10.45
C ALA A 791 17.06 -5.44 -9.54
N MET A 792 18.15 -5.90 -10.14
CA MET A 792 19.34 -6.24 -9.37
C MET A 792 19.99 -4.96 -8.85
N GLY A 793 20.29 -4.94 -7.56
CA GLY A 793 20.79 -3.75 -6.90
C GLY A 793 22.18 -3.30 -7.30
N ILE A 794 23.17 -4.18 -7.11
CA ILE A 794 24.56 -3.81 -7.37
C ILE A 794 24.81 -3.64 -8.88
N ALA A 795 24.28 -4.56 -9.67
CA ALA A 795 24.38 -4.52 -11.13
C ALA A 795 23.33 -3.60 -11.75
N GLY A 796 23.32 -2.33 -11.38
CA GLY A 796 22.20 -1.45 -11.61
C GLY A 796 21.73 -1.19 -13.02
N THR A 797 22.47 -0.36 -13.77
CA THR A 797 21.95 0.19 -15.02
C THR A 797 20.67 0.96 -14.70
N ASP A 798 20.85 2.13 -14.07
CA ASP A 798 19.79 2.78 -13.30
C ASP A 798 18.43 2.82 -13.99
N VAL A 799 18.39 2.79 -15.33
CA VAL A 799 17.10 2.76 -16.01
C VAL A 799 16.28 1.57 -15.54
N ALA A 800 16.91 0.41 -15.40
CA ALA A 800 16.24 -0.75 -14.84
C ALA A 800 15.84 -0.51 -13.39
N LYS A 801 16.48 0.45 -12.71
CA LYS A 801 16.11 0.74 -11.33
C LYS A 801 14.88 1.62 -11.25
N GLU A 802 14.76 2.67 -12.08
CA GLU A 802 13.53 3.44 -12.02
C GLU A 802 12.38 2.75 -12.73
N ALA A 803 12.63 1.74 -13.55
CA ALA A 803 11.51 1.03 -14.14
C ALA A 803 10.92 -0.02 -13.22
N SER A 804 11.61 -0.41 -12.17
CA SER A 804 11.24 -1.57 -11.37
C SER A 804 10.41 -1.17 -10.15
N ASP A 805 9.69 -2.14 -9.60
CA ASP A 805 8.92 -1.94 -8.38
C ASP A 805 9.74 -2.29 -7.15
N ILE A 806 10.54 -3.35 -7.22
CA ILE A 806 11.32 -3.85 -6.09
C ILE A 806 12.78 -3.98 -6.51
N ILE A 807 13.68 -3.61 -5.61
CA ILE A 807 15.12 -3.70 -5.83
C ILE A 807 15.70 -4.76 -4.91
N LEU A 808 16.39 -5.74 -5.49
CA LEU A 808 17.15 -6.72 -4.72
C LEU A 808 18.52 -6.14 -4.40
N THR A 809 18.73 -5.73 -3.16
CA THR A 809 19.91 -4.94 -2.82
C THR A 809 21.20 -5.76 -2.75
N ASP A 810 21.10 -7.09 -2.81
CA ASP A 810 22.27 -7.95 -2.68
C ASP A 810 22.54 -8.81 -3.91
N ASP A 811 21.79 -8.62 -5.00
CA ASP A 811 21.88 -9.46 -6.20
C ASP A 811 21.71 -10.93 -5.86
N ASN A 812 20.71 -11.24 -5.04
CA ASN A 812 20.47 -12.60 -4.59
C ASN A 812 19.14 -13.07 -5.13
N PHE A 813 19.16 -14.17 -5.89
CA PHE A 813 17.91 -14.68 -6.44
C PHE A 813 17.00 -15.24 -5.37
N SER A 814 17.57 -15.76 -4.27
CA SER A 814 16.77 -16.30 -3.18
C SER A 814 15.86 -15.25 -2.57
N SER A 815 16.23 -13.97 -2.66
CA SER A 815 15.37 -12.91 -2.16
C SER A 815 14.01 -12.94 -2.84
N ILE A 816 13.96 -13.32 -4.11
CA ILE A 816 12.68 -13.38 -4.79
C ILE A 816 11.77 -14.38 -4.12
N VAL A 817 12.31 -15.50 -3.62
CA VAL A 817 11.49 -16.43 -2.87
C VAL A 817 10.96 -15.77 -1.61
N LYS A 818 11.81 -15.02 -0.90
CA LYS A 818 11.36 -14.29 0.27
C LYS A 818 10.33 -13.23 -0.09
N ALA A 819 10.26 -12.85 -1.37
CA ALA A 819 9.25 -11.88 -1.79
C ALA A 819 7.92 -12.56 -2.07
N VAL A 820 7.92 -13.82 -2.45
CA VAL A 820 6.66 -14.54 -2.62
C VAL A 820 6.00 -14.75 -1.27
N MET A 821 6.76 -15.29 -0.32
CA MET A 821 6.23 -15.61 1.00
C MET A 821 5.75 -14.36 1.72
N TRP A 822 6.54 -13.28 1.68
CA TRP A 822 6.08 -12.03 2.26
C TRP A 822 4.81 -11.54 1.58
N GLY A 823 4.71 -11.68 0.26
CA GLY A 823 3.52 -11.23 -0.42
C GLY A 823 2.30 -12.07 -0.08
N ARG A 824 2.52 -13.30 0.37
CA ARG A 824 1.40 -14.12 0.80
C ARG A 824 1.04 -13.86 2.25
N ASN A 825 1.90 -13.14 2.96
CA ASN A 825 1.57 -12.76 4.33
C ASN A 825 0.76 -11.47 4.34
N VAL A 826 1.18 -10.50 3.53
CA VAL A 826 0.47 -9.23 3.44
C VAL A 826 -0.99 -9.46 3.09
N TYR A 827 -1.25 -10.29 2.09
CA TYR A 827 -2.62 -10.65 1.75
C TYR A 827 -3.37 -11.13 2.97
N ASP A 828 -2.81 -12.10 3.69
CA ASP A 828 -3.46 -12.61 4.89
C ASP A 828 -3.77 -11.51 5.86
N SER A 829 -2.83 -10.59 6.08
CA SER A 829 -3.04 -9.55 7.07
C SER A 829 -4.25 -8.71 6.72
N ILE A 830 -4.42 -8.40 5.44
CA ILE A 830 -5.56 -7.57 5.08
C ILE A 830 -6.85 -8.34 5.27
N SER A 831 -6.84 -9.64 5.01
CA SER A 831 -8.07 -10.41 5.21
C SER A 831 -8.31 -10.67 6.70
N LYS A 832 -7.36 -10.34 7.56
CA LYS A 832 -7.67 -10.33 8.99
C LYS A 832 -8.41 -9.07 9.38
N PHE A 833 -8.10 -7.95 8.70
CA PHE A 833 -8.80 -6.71 9.00
C PHE A 833 -10.21 -6.73 8.46
N LEU A 834 -10.39 -7.24 7.24
CA LEU A 834 -11.71 -7.26 6.62
C LEU A 834 -12.70 -8.08 7.43
N GLN A 835 -12.22 -9.15 8.06
CA GLN A 835 -13.06 -9.97 8.91
C GLN A 835 -13.46 -9.20 10.17
N PHE A 836 -12.54 -8.38 10.70
CA PHE A 836 -12.83 -7.57 11.87
C PHE A 836 -13.80 -6.44 11.53
N GLN A 837 -13.43 -5.59 10.58
CA GLN A 837 -14.23 -4.41 10.26
C GLN A 837 -15.63 -4.78 9.77
N LEU A 838 -15.75 -5.78 8.90
CA LEU A 838 -17.09 -6.13 8.41
C LEU A 838 -17.98 -6.67 9.52
N THR A 839 -17.42 -7.06 10.66
CA THR A 839 -18.27 -7.49 11.76
C THR A 839 -18.80 -6.31 12.54
N VAL A 840 -18.07 -5.18 12.53
CA VAL A 840 -18.56 -3.98 13.18
C VAL A 840 -19.73 -3.41 12.39
N ASN A 841 -19.50 -3.09 11.12
CA ASN A 841 -20.46 -2.37 10.30
C ASN A 841 -21.78 -3.12 10.17
N VAL A 842 -21.74 -4.45 10.10
CA VAL A 842 -22.98 -5.20 10.07
C VAL A 842 -23.78 -4.96 11.35
N VAL A 843 -23.15 -5.21 12.50
CA VAL A 843 -23.87 -5.15 13.76
C VAL A 843 -24.44 -3.75 13.96
N ALA A 844 -23.60 -2.73 13.80
CA ALA A 844 -24.04 -1.36 13.94
C ALA A 844 -25.30 -1.09 13.13
N VAL A 845 -25.30 -1.52 11.86
CA VAL A 845 -26.46 -1.22 11.01
C VAL A 845 -27.71 -1.84 11.59
N ILE A 846 -27.63 -3.12 11.98
CA ILE A 846 -28.84 -3.79 12.43
C ILE A 846 -29.30 -3.21 13.77
N VAL A 847 -28.37 -2.57 14.49
CA VAL A 847 -28.75 -1.87 15.71
C VAL A 847 -29.33 -0.50 15.37
N ALA A 848 -28.73 0.19 14.40
CA ALA A 848 -29.18 1.54 14.08
C ALA A 848 -30.51 1.51 13.35
N PHE A 849 -30.73 0.49 12.53
CA PHE A 849 -32.01 0.34 11.84
C PHE A 849 -33.12 0.04 12.84
N THR A 850 -33.01 -1.07 13.56
CA THR A 850 -34.07 -1.49 14.48
C THR A 850 -34.37 -0.42 15.52
N GLY A 851 -33.33 0.11 16.17
CA GLY A 851 -33.55 1.17 17.14
C GLY A 851 -34.32 2.33 16.55
N ALA A 852 -34.06 2.65 15.29
CA ALA A 852 -34.78 3.73 14.63
C ALA A 852 -36.26 3.40 14.48
N CYS A 853 -36.56 2.16 14.09
CA CYS A 853 -37.95 1.82 13.82
C CYS A 853 -38.76 1.74 15.10
N ILE A 854 -38.32 0.93 16.07
CA ILE A 854 -39.07 0.68 17.29
C ILE A 854 -38.98 1.84 18.26
N THR A 855 -37.77 2.25 18.64
CA THR A 855 -37.62 3.28 19.66
C THR A 855 -37.45 4.68 19.09
N GLN A 856 -37.08 4.81 17.81
CA GLN A 856 -36.96 6.10 17.13
C GLN A 856 -35.99 7.03 17.84
N ASP A 857 -34.86 6.50 18.31
CA ASP A 857 -34.03 7.27 19.23
C ASP A 857 -32.53 7.17 18.97
N SER A 858 -32.06 6.27 18.08
CA SER A 858 -30.65 6.16 17.72
C SER A 858 -29.73 5.76 18.88
N PRO A 859 -29.72 4.48 19.27
CA PRO A 859 -28.87 4.06 20.41
C PRO A 859 -27.37 4.27 20.20
N LEU A 860 -26.88 4.26 18.96
CA LEU A 860 -25.46 4.48 18.65
C LEU A 860 -25.37 5.79 17.85
N LYS A 861 -24.66 6.77 18.39
CA LYS A 861 -24.57 8.07 17.76
C LYS A 861 -23.53 8.07 16.63
N ALA A 862 -23.27 9.25 16.09
CA ALA A 862 -22.39 9.38 14.92
C ALA A 862 -20.95 9.64 15.32
N VAL A 863 -20.72 10.51 16.31
CA VAL A 863 -19.36 10.73 16.79
C VAL A 863 -18.83 9.48 17.47
N GLN A 864 -19.72 8.78 18.20
CA GLN A 864 -19.33 7.54 18.86
C GLN A 864 -18.79 6.53 17.86
N MET A 865 -19.33 6.51 16.65
CA MET A 865 -18.91 5.54 15.66
C MET A 865 -17.85 6.08 14.71
N LEU A 866 -17.67 7.40 14.65
CA LEU A 866 -16.51 7.94 13.96
C LEU A 866 -15.24 7.73 14.78
N TRP A 867 -15.36 7.63 16.11
CA TRP A 867 -14.20 7.20 16.87
C TRP A 867 -13.84 5.75 16.56
N VAL A 868 -14.85 4.88 16.46
CA VAL A 868 -14.59 3.46 16.26
C VAL A 868 -14.05 3.20 14.85
N ASN A 869 -14.68 3.79 13.83
CA ASN A 869 -14.30 3.50 12.45
C ASN A 869 -12.97 4.14 12.10
N LEU A 870 -12.76 5.40 12.48
CA LEU A 870 -11.55 6.11 12.09
C LEU A 870 -10.33 5.75 12.93
N ILE A 871 -10.39 5.97 14.25
CA ILE A 871 -9.19 5.91 15.07
C ILE A 871 -8.91 4.48 15.51
N MET A 872 -9.93 3.81 16.04
CA MET A 872 -9.73 2.52 16.69
C MET A 872 -9.37 1.44 15.67
N ASP A 873 -9.97 1.47 14.49
CA ASP A 873 -9.81 0.38 13.53
C ASP A 873 -8.50 0.44 12.75
N THR A 874 -7.91 1.62 12.55
CA THR A 874 -6.61 1.66 11.89
C THR A 874 -5.52 1.09 12.80
N PHE A 875 -5.64 1.31 14.11
CA PHE A 875 -4.73 0.67 15.04
C PHE A 875 -5.03 -0.81 15.20
N ALA A 876 -6.28 -1.22 15.09
CA ALA A 876 -6.58 -2.64 14.99
C ALA A 876 -5.90 -3.26 13.77
N SER A 877 -5.89 -2.55 12.64
CA SER A 877 -5.21 -3.03 11.45
C SER A 877 -3.72 -3.20 11.67
N LEU A 878 -3.08 -2.17 12.22
CA LEU A 878 -1.64 -2.26 12.50
C LEU A 878 -1.34 -3.39 13.48
N ALA A 879 -2.19 -3.60 14.49
CA ALA A 879 -1.98 -4.71 15.42
C ALA A 879 -2.12 -6.05 14.72
N LEU A 880 -3.06 -6.16 13.79
CA LEU A 880 -3.29 -7.42 13.08
C LEU A 880 -2.26 -7.69 11.99
N ALA A 881 -1.40 -6.72 11.67
CA ALA A 881 -0.38 -6.90 10.63
C ALA A 881 0.92 -7.52 11.14
N THR A 882 1.04 -7.84 12.42
CA THR A 882 2.35 -8.02 13.04
C THR A 882 2.79 -9.47 13.24
N GLU A 883 2.10 -10.46 12.67
CA GLU A 883 2.61 -11.83 12.72
C GLU A 883 3.75 -11.99 11.72
N PRO A 884 4.83 -12.67 12.09
CA PRO A 884 5.95 -12.87 11.15
C PRO A 884 5.66 -14.00 10.18
N PRO A 885 6.14 -13.91 8.94
CA PRO A 885 5.86 -14.94 7.95
C PRO A 885 6.74 -16.17 8.12
N THR A 886 6.23 -17.30 7.65
CA THR A 886 6.93 -18.58 7.71
C THR A 886 6.91 -19.21 6.32
N GLU A 887 7.83 -20.16 6.10
CA GLU A 887 7.98 -20.79 4.80
C GLU A 887 6.81 -21.70 4.44
N THR A 888 5.95 -22.03 5.40
CA THR A 888 4.78 -22.85 5.10
C THR A 888 3.77 -22.13 4.22
N LEU A 889 3.94 -20.82 4.01
CA LEU A 889 3.13 -20.09 3.04
C LEU A 889 3.51 -20.42 1.61
N LEU A 890 4.67 -21.03 1.38
CA LEU A 890 5.13 -21.36 0.04
C LEU A 890 4.56 -22.68 -0.46
N LEU A 891 3.63 -23.29 0.28
CA LEU A 891 3.10 -24.60 -0.02
C LEU A 891 1.71 -24.57 -0.62
N ARG A 892 1.25 -23.41 -1.06
CA ARG A 892 -0.12 -23.26 -1.54
C ARG A 892 -0.11 -22.61 -2.92
N LYS A 893 -1.18 -22.85 -3.67
CA LYS A 893 -1.28 -22.39 -5.04
C LYS A 893 -1.57 -20.89 -5.09
N PRO A 894 -1.18 -20.22 -6.17
CA PRO A 894 -1.56 -18.81 -6.34
C PRO A 894 -3.07 -18.64 -6.42
N TYR A 895 -3.56 -17.55 -5.83
CA TYR A 895 -4.97 -17.23 -5.93
C TYR A 895 -5.29 -16.63 -7.28
N GLY A 896 -6.57 -16.67 -7.64
CA GLY A 896 -7.01 -16.09 -8.92
C GLY A 896 -6.90 -14.59 -8.93
N ARG A 897 -6.76 -13.99 -10.11
CA ARG A 897 -6.67 -12.51 -10.25
C ARG A 897 -8.04 -11.91 -9.96
N ASN A 898 -9.11 -12.69 -10.11
CA ASN A 898 -10.47 -12.19 -9.78
C ASN A 898 -11.16 -12.98 -8.66
N LYS A 899 -10.42 -13.66 -7.78
CA LYS A 899 -11.03 -14.32 -6.58
C LYS A 899 -11.90 -13.34 -5.78
N PRO A 900 -12.99 -13.77 -5.11
CA PRO A 900 -13.95 -12.88 -4.38
C PRO A 900 -13.31 -11.94 -3.35
N LEU A 901 -12.32 -12.35 -2.54
CA LEU A 901 -11.69 -11.52 -1.46
C LEU A 901 -12.30 -11.90 -0.10
N ILE A 902 -13.50 -12.49 -0.09
CA ILE A 902 -14.15 -12.84 1.18
C ILE A 902 -14.44 -14.34 1.13
N SER A 903 -13.67 -15.12 1.88
CA SER A 903 -13.78 -16.57 1.80
C SER A 903 -14.94 -17.06 2.66
N ARG A 904 -15.13 -18.39 2.65
CA ARG A 904 -16.22 -18.98 3.41
C ARG A 904 -15.94 -18.98 4.90
N THR A 905 -14.69 -19.16 5.31
CA THR A 905 -14.35 -19.10 6.72
C THR A 905 -14.58 -17.69 7.27
N MET A 906 -14.23 -16.68 6.48
CA MET A 906 -14.47 -15.30 6.89
C MET A 906 -15.97 -15.02 7.03
N MET A 907 -16.78 -15.55 6.11
CA MET A 907 -18.23 -15.40 6.23
C MET A 907 -18.75 -16.07 7.49
N LYS A 908 -18.29 -17.29 7.77
CA LYS A 908 -18.72 -18.00 8.96
C LYS A 908 -18.38 -17.22 10.22
N ASN A 909 -17.16 -16.66 10.28
CA ASN A 909 -16.77 -15.91 11.45
C ASN A 909 -17.59 -14.63 11.61
N ILE A 910 -17.80 -13.90 10.51
CA ILE A 910 -18.56 -12.65 10.59
C ILE A 910 -19.98 -12.91 11.08
N LEU A 911 -20.66 -13.91 10.50
CA LEU A 911 -22.04 -14.17 10.92
C LEU A 911 -22.13 -14.76 12.32
N GLY A 912 -21.23 -15.68 12.66
CA GLY A 912 -21.29 -16.29 13.98
C GLY A 912 -20.97 -15.31 15.10
N HIS A 913 -20.18 -14.27 14.81
CA HIS A 913 -19.91 -13.31 15.86
C HIS A 913 -20.98 -12.22 15.90
N ALA A 914 -21.55 -11.87 14.75
CA ALA A 914 -22.67 -10.95 14.74
C ALA A 914 -23.87 -11.50 15.48
N VAL A 915 -24.08 -12.81 15.49
CA VAL A 915 -25.21 -13.37 16.23
C VAL A 915 -25.10 -13.05 17.71
N TYR A 916 -23.93 -13.30 18.32
CA TYR A 916 -23.71 -13.00 19.72
C TYR A 916 -23.85 -11.51 20.00
N GLN A 917 -23.20 -10.67 19.21
CA GLN A 917 -23.24 -9.25 19.51
C GLN A 917 -24.65 -8.70 19.40
N LEU A 918 -25.41 -9.14 18.38
CA LEU A 918 -26.76 -8.63 18.21
C LEU A 918 -27.70 -9.12 19.31
N THR A 919 -27.62 -10.39 19.71
CA THR A 919 -28.53 -10.84 20.76
C THR A 919 -28.24 -10.13 22.07
N LEU A 920 -26.97 -9.89 22.39
CA LEU A 920 -26.71 -9.21 23.66
C LEU A 920 -27.07 -7.73 23.62
N ILE A 921 -26.86 -7.04 22.49
CA ILE A 921 -27.21 -5.63 22.44
C ILE A 921 -28.73 -5.44 22.44
N PHE A 922 -29.47 -6.35 21.81
CA PHE A 922 -30.92 -6.24 21.86
C PHE A 922 -31.47 -6.56 23.24
N THR A 923 -30.88 -7.53 23.94
CA THR A 923 -31.25 -7.76 25.32
C THR A 923 -31.00 -6.51 26.17
N LEU A 924 -29.84 -5.87 25.99
CA LEU A 924 -29.59 -4.65 26.74
C LEU A 924 -30.61 -3.56 26.41
N LEU A 925 -30.87 -3.29 25.13
CA LEU A 925 -31.87 -2.28 24.78
C LEU A 925 -33.20 -2.52 25.47
N PHE A 926 -33.72 -3.75 25.40
CA PHE A 926 -35.12 -3.90 25.77
C PHE A 926 -35.32 -4.22 27.26
N VAL A 927 -34.41 -4.95 27.89
CA VAL A 927 -34.54 -5.22 29.32
C VAL A 927 -33.31 -4.77 30.11
N GLY A 928 -32.64 -3.70 29.70
CA GLY A 928 -31.41 -3.34 30.38
C GLY A 928 -31.61 -2.50 31.61
N GLU A 929 -32.67 -1.71 31.66
CA GLU A 929 -32.88 -0.86 32.82
C GLU A 929 -33.32 -1.66 34.04
N LYS A 930 -33.94 -2.83 33.83
CA LYS A 930 -34.32 -3.67 34.95
C LYS A 930 -33.12 -4.43 35.51
N MET A 931 -32.22 -4.89 34.64
CA MET A 931 -31.06 -5.65 35.12
C MET A 931 -30.10 -4.75 35.88
N PHE A 932 -29.75 -3.61 35.30
CA PHE A 932 -28.80 -2.71 35.96
C PHE A 932 -29.44 -1.81 36.99
N GLN A 933 -30.76 -1.88 37.17
CA GLN A 933 -31.51 -1.06 38.13
C GLN A 933 -31.21 0.42 37.93
N ILE A 934 -31.53 0.87 36.72
CA ILE A 934 -31.46 2.28 36.32
C ILE A 934 -32.75 2.62 35.62
N ASP A 935 -32.83 3.84 35.10
CA ASP A 935 -34.00 4.27 34.35
C ASP A 935 -33.69 4.39 32.85
N SER A 936 -34.73 4.23 32.05
CA SER A 936 -34.57 4.01 30.62
C SER A 936 -34.16 5.27 29.87
N GLY A 937 -33.34 5.09 28.83
CA GLY A 937 -33.05 6.10 27.86
C GLY A 937 -33.86 5.99 26.60
N ARG A 938 -34.84 5.09 26.57
CA ARG A 938 -35.66 4.88 25.38
C ARG A 938 -36.68 5.99 25.22
N ASN A 939 -36.94 6.36 23.96
CA ASN A 939 -37.91 7.40 23.62
C ASN A 939 -37.63 8.68 24.39
N ALA A 940 -36.38 9.12 24.34
CA ALA A 940 -35.97 10.29 25.09
C ALA A 940 -36.59 11.55 24.51
N PRO A 941 -36.84 12.56 25.34
CA PRO A 941 -37.37 13.83 24.84
C PRO A 941 -36.37 14.54 23.94
N LEU A 942 -36.79 15.68 23.43
CA LEU A 942 -35.96 16.45 22.52
C LEU A 942 -34.84 17.13 23.29
N HIS A 943 -33.62 17.04 22.75
CA HIS A 943 -32.40 17.57 23.37
C HIS A 943 -32.35 17.26 24.87
N SER A 944 -32.39 15.97 25.18
CA SER A 944 -32.27 15.51 26.56
C SER A 944 -30.81 15.18 26.88
N PRO A 945 -30.41 15.27 28.16
CA PRO A 945 -29.03 14.94 28.53
C PRO A 945 -28.74 13.46 28.33
N PRO A 946 -27.47 13.08 28.26
CA PRO A 946 -27.13 11.67 28.01
C PRO A 946 -27.61 10.76 29.14
N SER A 947 -27.51 9.46 28.89
CA SER A 947 -28.10 8.45 29.74
C SER A 947 -27.05 7.42 30.12
N GLU A 948 -27.26 6.76 31.26
CA GLU A 948 -26.39 5.63 31.60
C GLU A 948 -26.79 4.36 30.87
N HIS A 949 -28.07 4.22 30.55
CA HIS A 949 -28.54 3.08 29.76
C HIS A 949 -27.80 3.01 28.42
N TYR A 950 -27.82 4.12 27.68
CA TYR A 950 -27.23 4.12 26.35
C TYR A 950 -25.72 4.21 26.39
N THR A 951 -25.14 4.75 27.47
CA THR A 951 -23.70 4.71 27.66
C THR A 951 -23.23 3.29 27.92
N ILE A 952 -24.00 2.50 28.67
CA ILE A 952 -23.67 1.09 28.85
C ILE A 952 -23.75 0.36 27.52
N ILE A 953 -24.75 0.67 26.69
CA ILE A 953 -24.84 0.02 25.38
C ILE A 953 -23.59 0.34 24.53
N PHE A 954 -23.20 1.61 24.47
CA PHE A 954 -22.03 1.99 23.66
C PHE A 954 -20.75 1.34 24.20
N ASN A 955 -20.55 1.39 25.51
CA ASN A 955 -19.34 0.82 26.10
C ASN A 955 -19.27 -0.69 25.88
N THR A 956 -20.41 -1.38 25.97
CA THR A 956 -20.42 -2.81 25.72
C THR A 956 -20.08 -3.13 24.27
N PHE A 957 -20.64 -2.36 23.33
CA PHE A 957 -20.30 -2.53 21.92
C PHE A 957 -18.80 -2.46 21.71
N VAL A 958 -18.16 -1.43 22.28
CA VAL A 958 -16.73 -1.25 22.08
C VAL A 958 -15.92 -2.34 22.76
N MET A 959 -16.33 -2.82 23.94
CA MET A 959 -15.61 -3.92 24.56
C MET A 959 -15.68 -5.19 23.74
N MET A 960 -16.84 -5.49 23.17
CA MET A 960 -16.97 -6.67 22.31
C MET A 960 -16.06 -6.58 21.09
N GLN A 961 -15.99 -5.42 20.45
CA GLN A 961 -15.06 -5.32 19.31
C GLN A 961 -13.59 -5.41 19.74
N LEU A 962 -13.26 -4.84 20.90
CA LEU A 962 -11.90 -4.92 21.40
C LEU A 962 -11.47 -6.36 21.66
N PHE A 963 -12.35 -7.18 22.22
CA PHE A 963 -11.99 -8.58 22.44
C PHE A 963 -12.18 -9.44 21.20
N ASN A 964 -12.84 -8.92 20.16
CA ASN A 964 -12.88 -9.61 18.87
C ASN A 964 -11.66 -9.33 18.00
N GLU A 965 -10.90 -8.27 18.31
CA GLU A 965 -9.59 -8.11 17.68
C GLU A 965 -8.71 -9.34 17.87
N ILE A 966 -8.83 -10.02 19.00
CA ILE A 966 -8.05 -11.24 19.25
C ILE A 966 -8.59 -12.40 18.42
N ASN A 967 -9.92 -12.50 18.31
CA ASN A 967 -10.52 -13.55 17.51
C ASN A 967 -10.21 -13.42 16.04
N ALA A 968 -9.96 -12.21 15.56
CA ALA A 968 -9.67 -11.96 14.15
C ALA A 968 -8.26 -12.33 13.75
N ARG A 969 -7.47 -12.93 14.64
CA ARG A 969 -6.08 -13.28 14.33
C ARG A 969 -5.96 -14.55 13.49
N LYS A 970 -7.04 -15.31 13.34
CA LYS A 970 -7.02 -16.57 12.60
C LYS A 970 -8.08 -16.51 11.51
N ILE A 971 -7.65 -16.57 10.25
CA ILE A 971 -8.59 -16.53 9.14
C ILE A 971 -8.90 -17.93 8.59
N HIS A 972 -8.09 -18.93 8.91
CA HIS A 972 -8.45 -20.32 8.71
C HIS A 972 -9.11 -20.81 10.01
N GLY A 973 -9.26 -22.12 10.17
CA GLY A 973 -10.09 -22.61 11.26
C GLY A 973 -9.42 -22.93 12.59
N GLU A 974 -8.24 -22.37 12.85
CA GLU A 974 -7.51 -22.71 14.06
C GLU A 974 -8.26 -22.29 15.33
N ARG A 975 -8.21 -23.14 16.35
CA ARG A 975 -8.78 -22.78 17.65
C ARG A 975 -7.93 -21.74 18.36
N ASN A 976 -6.65 -22.05 18.59
CA ASN A 976 -5.81 -21.26 19.48
C ASN A 976 -5.53 -19.91 18.84
N VAL A 977 -6.28 -18.90 19.25
CA VAL A 977 -6.07 -17.54 18.76
C VAL A 977 -5.07 -16.78 19.59
N PHE A 978 -4.52 -17.38 20.65
CA PHE A 978 -3.55 -16.75 21.52
C PHE A 978 -2.11 -17.11 21.15
N ASP A 979 -1.91 -17.86 20.07
CA ASP A 979 -0.60 -18.35 19.70
C ASP A 979 0.33 -17.19 19.33
N GLY A 980 1.29 -16.91 20.20
CA GLY A 980 2.24 -15.86 19.96
C GLY A 980 1.80 -14.47 20.40
N ILE A 981 0.68 -14.36 21.11
CA ILE A 981 0.14 -13.04 21.43
C ILE A 981 1.00 -12.33 22.47
N PHE A 982 1.56 -13.07 23.42
CA PHE A 982 2.37 -12.45 24.47
C PHE A 982 3.81 -12.23 24.02
N ARG A 983 4.23 -12.84 22.91
CA ARG A 983 5.50 -12.56 22.28
C ARG A 983 5.49 -11.25 21.50
N ASN A 984 4.32 -10.66 21.27
CA ASN A 984 4.20 -9.51 20.39
C ASN A 984 3.91 -8.26 21.22
N PRO A 985 4.87 -7.35 21.39
CA PRO A 985 4.61 -6.17 22.23
C PRO A 985 3.72 -5.13 21.56
N ILE A 986 3.71 -5.06 20.23
CA ILE A 986 2.89 -4.07 19.53
C ILE A 986 1.42 -4.37 19.74
N PHE A 987 1.02 -5.63 19.62
CA PHE A 987 -0.38 -6.00 19.80
C PHE A 987 -0.88 -5.64 21.20
N CYS A 988 -0.10 -6.01 22.23
CA CYS A 988 -0.50 -5.73 23.60
C CYS A 988 -0.53 -4.24 23.89
N THR A 989 0.47 -3.51 23.41
CA THR A 989 0.48 -2.06 23.62
C THR A 989 -0.73 -1.40 22.99
N ILE A 990 -1.09 -1.82 21.77
CA ILE A 990 -2.22 -1.19 21.10
C ILE A 990 -3.52 -1.53 21.79
N VAL A 991 -3.69 -2.77 22.24
CA VAL A 991 -4.94 -3.13 22.93
C VAL A 991 -5.07 -2.37 24.24
N LEU A 992 -4.00 -2.27 25.03
CA LEU A 992 -4.07 -1.52 26.27
C LEU A 992 -4.30 -0.02 26.03
N GLY A 993 -3.68 0.55 25.01
CA GLY A 993 -3.92 1.95 24.71
C GLY A 993 -5.34 2.23 24.29
N THR A 994 -5.93 1.34 23.49
CA THR A 994 -7.33 1.49 23.13
C THR A 994 -8.22 1.42 24.36
N PHE A 995 -7.92 0.49 25.28
CA PHE A 995 -8.72 0.39 26.51
C PHE A 995 -8.65 1.67 27.32
N ALA A 996 -7.45 2.23 27.48
CA ALA A 996 -7.30 3.45 28.27
C ALA A 996 -8.00 4.64 27.62
N ILE A 997 -7.92 4.76 26.29
CA ILE A 997 -8.61 5.86 25.62
C ILE A 997 -10.12 5.70 25.75
N GLN A 998 -10.64 4.48 25.71
CA GLN A 998 -12.07 4.29 25.89
C GLN A 998 -12.50 4.67 27.30
N ILE A 999 -11.69 4.35 28.31
CA ILE A 999 -12.01 4.77 29.67
C ILE A 999 -12.09 6.30 29.76
N VAL A 1000 -11.10 6.98 29.18
CA VAL A 1000 -11.11 8.44 29.21
C VAL A 1000 -12.33 9.00 28.48
N ILE A 1001 -12.70 8.42 27.34
CA ILE A 1001 -13.84 8.92 26.58
C ILE A 1001 -15.14 8.75 27.37
N VAL A 1002 -15.36 7.59 27.97
CA VAL A 1002 -16.61 7.38 28.70
C VAL A 1002 -16.67 8.27 29.94
N GLN A 1003 -15.56 8.39 30.68
CA GLN A 1003 -15.60 9.12 31.95
C GLN A 1003 -15.64 10.63 31.74
N PHE A 1004 -14.85 11.15 30.81
CA PHE A 1004 -14.76 12.60 30.63
C PHE A 1004 -15.29 13.11 29.30
N GLY A 1005 -16.04 12.29 28.56
CA GLY A 1005 -16.46 12.69 27.23
C GLY A 1005 -17.56 13.72 27.20
N GLY A 1006 -18.47 13.67 28.16
CA GLY A 1006 -19.52 14.67 28.23
C GLY A 1006 -20.55 14.52 27.13
N LYS A 1007 -21.28 15.61 26.89
CA LYS A 1007 -22.31 15.61 25.86
C LYS A 1007 -21.77 15.40 24.45
N PRO A 1008 -20.65 16.03 24.00
CA PRO A 1008 -20.16 15.80 22.62
C PRO A 1008 -20.14 14.35 22.19
N PHE A 1009 -19.77 13.45 23.11
CA PHE A 1009 -19.75 12.02 22.84
C PHE A 1009 -21.02 11.31 23.29
N SER A 1010 -21.94 12.03 23.93
CA SER A 1010 -23.21 11.47 24.42
C SER A 1010 -22.97 10.36 25.45
N CYS A 1011 -22.06 10.62 26.39
CA CYS A 1011 -21.69 9.65 27.42
C CYS A 1011 -21.87 10.26 28.80
N SER A 1012 -22.48 9.52 29.71
CA SER A 1012 -22.52 9.89 31.12
C SER A 1012 -21.69 8.90 31.93
N PRO A 1013 -20.94 9.38 32.93
CA PRO A 1013 -19.97 8.51 33.61
C PRO A 1013 -20.61 7.31 34.28
N LEU A 1014 -19.88 6.19 34.29
CA LEU A 1014 -20.35 4.92 34.80
C LEU A 1014 -19.66 4.60 36.12
N GLN A 1015 -20.30 3.74 36.91
CA GLN A 1015 -19.72 3.27 38.16
C GLN A 1015 -18.65 2.22 37.89
N LEU A 1016 -18.17 1.58 38.96
CA LEU A 1016 -17.14 0.55 38.80
C LEU A 1016 -17.75 -0.80 38.44
N ASP A 1017 -18.86 -1.17 39.07
CA ASP A 1017 -19.47 -2.45 38.75
C ASP A 1017 -20.11 -2.44 37.37
N GLN A 1018 -20.50 -1.27 36.87
CA GLN A 1018 -21.02 -1.20 35.51
C GLN A 1018 -19.92 -1.42 34.49
N TRP A 1019 -18.73 -0.88 34.76
CA TRP A 1019 -17.56 -1.18 33.95
C TRP A 1019 -17.20 -2.65 34.01
N MET A 1020 -17.28 -3.26 35.19
CA MET A 1020 -16.99 -4.68 35.32
C MET A 1020 -17.96 -5.54 34.53
N TRP A 1021 -19.24 -5.18 34.50
CA TRP A 1021 -20.19 -5.93 33.69
C TRP A 1021 -19.96 -5.74 32.20
N CYS A 1022 -19.57 -4.53 31.78
CA CYS A 1022 -19.21 -4.33 30.38
C CYS A 1022 -18.03 -5.20 29.98
N ILE A 1023 -17.01 -5.29 30.84
CA ILE A 1023 -15.85 -6.12 30.55
C ILE A 1023 -16.22 -7.61 30.57
N PHE A 1024 -17.10 -8.03 31.48
CA PHE A 1024 -17.56 -9.42 31.51
C PHE A 1024 -18.25 -9.79 30.20
N ILE A 1025 -19.16 -8.94 29.74
CA ILE A 1025 -19.88 -9.22 28.50
C ILE A 1025 -18.93 -9.22 27.31
N GLY A 1026 -18.00 -8.26 27.26
CA GLY A 1026 -17.04 -8.23 26.17
C GLY A 1026 -16.09 -9.42 26.15
N LEU A 1027 -15.73 -9.93 27.32
CA LEU A 1027 -14.85 -11.08 27.40
C LEU A 1027 -15.56 -12.39 27.13
N GLY A 1028 -16.89 -12.41 27.21
CA GLY A 1028 -17.60 -13.60 26.75
C GLY A 1028 -17.51 -13.83 25.25
N GLU A 1029 -17.00 -12.86 24.50
CA GLU A 1029 -16.80 -13.03 23.06
C GLU A 1029 -15.69 -14.03 22.77
N LEU A 1030 -14.68 -14.10 23.63
CA LEU A 1030 -13.61 -15.09 23.45
C LEU A 1030 -14.12 -16.50 23.68
N VAL A 1031 -15.18 -16.66 24.47
CA VAL A 1031 -15.75 -17.99 24.68
C VAL A 1031 -16.72 -18.35 23.56
N TRP A 1032 -17.48 -17.37 23.09
CA TRP A 1032 -18.30 -17.61 21.91
C TRP A 1032 -17.45 -17.96 20.70
N GLY A 1033 -16.25 -17.39 20.61
CA GLY A 1033 -15.34 -17.78 19.55
C GLY A 1033 -14.94 -19.24 19.60
N GLN A 1034 -14.70 -19.76 20.80
CA GLN A 1034 -14.38 -21.18 20.92
C GLN A 1034 -15.60 -22.04 20.64
N VAL A 1035 -16.80 -21.53 20.91
CA VAL A 1035 -18.01 -22.26 20.55
C VAL A 1035 -18.12 -22.39 19.04
N ILE A 1036 -17.98 -21.27 18.31
CA ILE A 1036 -18.22 -21.31 16.87
C ILE A 1036 -17.02 -21.82 16.08
N ALA A 1037 -15.83 -21.89 16.69
CA ALA A 1037 -14.70 -22.52 16.00
C ALA A 1037 -14.91 -24.02 15.86
N THR A 1038 -15.87 -24.58 16.58
CA THR A 1038 -16.17 -26.00 16.48
C THR A 1038 -16.91 -26.33 15.19
N ILE A 1039 -17.69 -25.38 14.66
CA ILE A 1039 -18.52 -25.63 13.49
C ILE A 1039 -17.63 -25.76 12.26
N PRO A 1040 -17.66 -26.90 11.56
CA PRO A 1040 -16.83 -27.05 10.36
C PRO A 1040 -17.41 -26.26 9.20
N THR A 1041 -16.57 -25.47 8.54
CA THR A 1041 -17.03 -24.59 7.48
C THR A 1041 -17.47 -25.35 6.23
N SER A 1042 -17.18 -26.65 6.15
CA SER A 1042 -17.56 -27.48 5.01
C SER A 1042 -19.06 -27.80 4.97
N ARG A 1043 -19.86 -27.22 5.85
CA ARG A 1043 -21.29 -27.49 5.88
C ARG A 1043 -22.08 -26.35 5.27
N LYS B 147 -53.94 61.20 50.98
CA LYS B 147 -53.73 59.92 50.32
C LYS B 147 -54.61 59.79 49.07
N PRO B 148 -53.98 59.66 47.91
CA PRO B 148 -54.75 59.46 46.67
C PRO B 148 -55.53 58.16 46.71
N ARG B 149 -56.66 58.15 46.00
CA ARG B 149 -57.54 56.99 45.97
C ARG B 149 -57.42 56.28 44.63
N ILE B 150 -57.22 54.97 44.68
CA ILE B 150 -57.08 54.13 43.49
C ILE B 150 -58.19 53.09 43.51
N VAL B 151 -58.92 52.99 42.40
CA VAL B 151 -59.90 51.93 42.18
C VAL B 151 -59.27 50.88 41.28
N THR B 152 -59.26 49.64 41.73
CA THR B 152 -58.61 48.55 41.02
C THR B 152 -59.65 47.53 40.56
N SER B 153 -59.27 46.75 39.55
CA SER B 153 -60.13 45.68 39.07
C SER B 153 -60.18 44.54 40.09
N GLU B 154 -61.18 43.69 39.93
CA GLU B 154 -61.32 42.54 40.81
C GLU B 154 -60.19 41.54 40.58
N GLU B 155 -59.92 40.74 41.60
CA GLU B 155 -58.92 39.68 41.47
C GLU B 155 -59.37 38.64 40.46
N VAL B 156 -58.40 38.02 39.80
CA VAL B 156 -58.66 37.10 38.71
C VAL B 156 -57.99 35.77 38.99
N ILE B 157 -58.72 34.68 38.72
CA ILE B 157 -58.20 33.33 38.83
C ILE B 157 -57.92 32.82 37.42
N ILE B 158 -56.67 32.47 37.15
CA ILE B 158 -56.29 31.94 35.85
C ILE B 158 -56.66 30.45 35.80
N ARG B 159 -57.56 30.11 34.91
CA ARG B 159 -57.94 28.73 34.65
C ARG B 159 -57.23 28.26 33.38
N GLU B 160 -57.61 27.07 32.90
CA GLU B 160 -57.08 26.57 31.64
C GLU B 160 -57.63 27.31 30.43
N SER B 161 -58.52 28.27 30.62
CA SER B 161 -59.04 29.05 29.51
C SER B 161 -57.95 29.93 28.90
N LEU B 162 -58.07 30.17 27.60
CA LEU B 162 -57.10 30.95 26.86
C LEU B 162 -57.52 32.41 26.68
N LEU B 163 -58.58 32.83 27.35
CA LEU B 163 -59.06 34.21 27.21
C LEU B 163 -58.05 35.20 27.79
N PRO B 164 -57.78 36.30 27.10
CA PRO B 164 -56.90 37.33 27.69
C PRO B 164 -57.55 37.95 28.92
N VAL B 165 -56.70 38.41 29.83
CA VAL B 165 -57.14 39.00 31.09
C VAL B 165 -56.61 40.43 31.15
N THR B 166 -57.49 41.37 31.50
CA THR B 166 -57.13 42.78 31.57
C THR B 166 -57.26 43.27 33.00
N LEU B 167 -56.21 43.91 33.50
CA LEU B 167 -56.15 44.45 34.86
C LEU B 167 -56.11 45.96 34.77
N GLN B 168 -56.84 46.62 35.67
CA GLN B 168 -57.15 48.05 35.55
C GLN B 168 -56.76 48.78 36.83
N CYS B 169 -56.21 49.98 36.67
CA CYS B 169 -56.04 50.89 37.80
C CYS B 169 -56.50 52.29 37.43
N ASN B 170 -57.32 52.87 38.29
CA ASN B 170 -57.96 54.17 38.10
C ASN B 170 -57.55 55.08 39.24
N LEU B 171 -56.96 56.23 38.93
CA LEU B 171 -56.62 57.22 39.94
C LEU B 171 -57.84 58.13 40.13
N THR B 172 -58.74 57.72 41.02
CA THR B 172 -60.01 58.42 41.14
C THR B 172 -59.89 59.74 41.90
N SER B 173 -58.92 59.84 42.81
CA SER B 173 -58.75 61.05 43.61
C SER B 173 -57.26 61.31 43.77
N SER B 174 -56.81 62.48 43.33
CA SER B 174 -55.40 62.86 43.47
C SER B 174 -55.29 64.37 43.28
N SER B 175 -54.76 65.05 44.29
CA SER B 175 -54.46 66.48 44.19
C SER B 175 -53.00 66.74 43.84
N HIS B 176 -52.20 65.70 43.66
CA HIS B 176 -50.78 65.83 43.39
C HIS B 176 -50.50 65.67 41.89
N THR B 177 -49.50 66.41 41.41
CA THR B 177 -49.10 66.30 40.02
C THR B 177 -48.32 65.01 39.81
N LEU B 178 -48.99 64.01 39.23
CA LEU B 178 -48.31 62.77 38.87
C LEU B 178 -47.34 63.03 37.73
N MET B 179 -46.15 62.43 37.78
CA MET B 179 -45.38 62.43 36.56
C MET B 179 -45.39 61.08 35.85
N TYR B 180 -45.54 59.96 36.58
CA TYR B 180 -45.58 58.70 35.85
C TYR B 180 -46.22 57.61 36.71
N SER B 181 -46.36 56.43 36.11
CA SER B 181 -46.91 55.27 36.77
C SER B 181 -46.36 54.02 36.08
N TYR B 182 -46.37 52.91 36.81
CA TYR B 182 -45.76 51.69 36.28
C TYR B 182 -46.33 50.47 36.98
N TRP B 183 -46.34 49.35 36.25
CA TRP B 183 -46.79 48.08 36.77
C TRP B 183 -45.62 47.26 37.29
N THR B 184 -45.88 46.44 38.30
CA THR B 184 -44.87 45.56 38.89
C THR B 184 -45.50 44.20 39.19
N ARG B 185 -44.68 43.15 39.10
CA ARG B 185 -45.06 41.81 39.51
C ARG B 185 -44.02 41.29 40.47
N ASN B 186 -44.45 40.92 41.68
CA ASN B 186 -43.55 40.48 42.74
C ASN B 186 -42.46 41.52 43.01
N GLY B 187 -42.83 42.80 42.89
CA GLY B 187 -41.91 43.88 43.14
C GLY B 187 -40.98 44.24 42.01
N VAL B 188 -41.09 43.58 40.86
CA VAL B 188 -40.21 43.81 39.72
C VAL B 188 -41.01 44.50 38.63
N GLU B 189 -40.52 45.64 38.16
CA GLU B 189 -41.27 46.47 37.21
C GLU B 189 -41.39 45.77 35.86
N LEU B 190 -42.61 45.75 35.33
CA LEU B 190 -42.83 45.24 33.99
C LEU B 190 -42.32 46.24 32.95
N THR B 191 -41.75 45.70 31.87
CA THR B 191 -41.15 46.54 30.85
C THR B 191 -42.21 47.29 30.06
N ALA B 192 -41.85 48.49 29.60
CA ALA B 192 -42.72 49.32 28.75
C ALA B 192 -44.07 49.60 29.42
N THR B 193 -44.04 49.96 30.70
CA THR B 193 -45.25 50.24 31.46
C THR B 193 -45.27 51.65 32.04
N ARG B 194 -44.37 52.53 31.62
CA ARG B 194 -44.29 53.89 32.15
C ARG B 194 -44.73 54.89 31.09
N LYS B 195 -45.82 55.60 31.36
CA LYS B 195 -46.34 56.66 30.52
C LYS B 195 -46.96 57.72 31.43
N ASN B 196 -47.77 58.60 30.84
CA ASN B 196 -48.60 59.49 31.66
C ASN B 196 -49.49 58.63 32.54
N ALA B 197 -50.42 57.91 31.89
CA ALA B 197 -51.16 56.79 32.47
C ALA B 197 -51.70 57.11 33.87
N SER B 198 -52.48 58.19 33.93
CA SER B 198 -53.28 58.43 35.13
C SER B 198 -54.30 57.33 35.34
N ASN B 199 -54.71 56.66 34.26
CA ASN B 199 -55.56 55.49 34.28
C ASN B 199 -54.92 54.45 33.37
N MET B 200 -54.47 53.33 33.94
CA MET B 200 -53.63 52.43 33.18
C MET B 200 -54.12 50.99 33.23
N GLU B 201 -53.70 50.24 32.19
CA GLU B 201 -54.25 48.94 31.86
C GLU B 201 -53.10 47.98 31.54
N TYR B 202 -53.25 46.73 31.95
CA TYR B 202 -52.29 45.68 31.60
C TYR B 202 -53.03 44.46 31.09
N ARG B 203 -52.60 43.93 29.95
CA ARG B 203 -53.30 42.84 29.28
C ARG B 203 -52.38 41.63 29.15
N ILE B 204 -52.90 40.47 29.51
CA ILE B 204 -52.22 39.19 29.31
C ILE B 204 -53.00 38.42 28.25
N ASN B 205 -52.37 38.21 27.08
CA ASN B 205 -53.04 37.52 26.00
C ASN B 205 -53.15 36.01 26.26
N LYS B 206 -52.13 35.43 26.88
CA LYS B 206 -52.07 33.99 27.13
C LYS B 206 -51.81 33.77 28.62
N PRO B 207 -52.84 33.90 29.45
CA PRO B 207 -52.65 33.73 30.89
C PRO B 207 -52.26 32.29 31.23
N ARG B 208 -51.15 32.16 31.95
CA ARG B 208 -50.62 30.87 32.37
C ARG B 208 -50.30 30.93 33.85
N ALA B 209 -49.90 29.77 34.40
CA ALA B 209 -49.54 29.71 35.81
C ALA B 209 -48.33 30.58 36.13
N GLU B 210 -47.38 30.69 35.20
CA GLU B 210 -46.21 31.53 35.46
C GLU B 210 -46.57 33.01 35.44
N ASP B 211 -47.68 33.38 34.81
CA ASP B 211 -48.11 34.77 34.79
C ASP B 211 -48.73 35.20 36.11
N SER B 212 -49.34 34.26 36.85
CA SER B 212 -50.05 34.60 38.07
C SER B 212 -49.11 35.14 39.13
N GLY B 213 -49.61 36.05 39.96
CA GLY B 213 -48.76 36.67 40.94
C GLY B 213 -49.42 37.90 41.55
N GLU B 214 -48.66 38.54 42.44
CA GLU B 214 -49.15 39.70 43.18
C GLU B 214 -48.71 40.97 42.46
N TYR B 215 -49.58 41.49 41.60
CA TYR B 215 -49.25 42.67 40.80
C TYR B 215 -49.54 43.94 41.58
N HIS B 216 -48.79 44.99 41.26
CA HIS B 216 -48.98 46.30 41.86
C HIS B 216 -48.96 47.35 40.75
N CYS B 217 -49.70 48.43 40.95
CA CYS B 217 -49.74 49.55 40.02
C CYS B 217 -49.34 50.83 40.77
N VAL B 218 -48.09 51.24 40.59
CA VAL B 218 -47.49 52.32 41.38
C VAL B 218 -47.65 53.64 40.63
N TYR B 219 -48.08 54.68 41.34
CA TYR B 219 -48.23 56.03 40.81
C TYR B 219 -47.17 56.90 41.48
N HIS B 220 -46.30 57.53 40.68
CA HIS B 220 -45.27 58.41 41.19
C HIS B 220 -45.61 59.85 40.83
N PHE B 221 -45.77 60.68 41.87
CA PHE B 221 -46.16 62.08 41.80
C PHE B 221 -44.96 62.98 42.05
N VAL B 222 -45.16 64.28 41.81
CA VAL B 222 -44.08 65.25 41.96
C VAL B 222 -43.67 65.40 43.42
N SER B 223 -44.65 65.52 44.32
CA SER B 223 -44.34 65.80 45.72
C SER B 223 -45.17 64.96 46.67
N ALA B 224 -45.53 63.74 46.26
CA ALA B 224 -46.32 62.86 47.11
C ALA B 224 -45.73 61.46 47.11
N PRO B 225 -45.90 60.73 48.22
CA PRO B 225 -45.45 59.34 48.24
C PRO B 225 -46.21 58.49 47.24
N LYS B 226 -45.54 57.46 46.74
CA LYS B 226 -46.15 56.59 45.74
C LYS B 226 -47.24 55.73 46.37
N ALA B 227 -48.24 55.38 45.55
CA ALA B 227 -49.32 54.49 45.94
C ALA B 227 -49.19 53.20 45.17
N ASN B 228 -49.24 52.07 45.88
CA ASN B 228 -48.87 50.78 45.32
C ASN B 228 -50.04 49.80 45.20
N ALA B 229 -51.26 50.30 45.03
CA ALA B 229 -52.47 49.47 45.07
C ALA B 229 -52.28 48.13 44.35
N THR B 230 -52.77 47.05 44.95
CA THR B 230 -52.31 45.72 44.61
C THR B 230 -53.47 44.84 44.17
N ILE B 231 -53.26 44.08 43.10
CA ILE B 231 -54.23 43.12 42.58
C ILE B 231 -53.53 41.76 42.54
N GLU B 232 -54.18 40.74 43.11
CA GLU B 232 -53.63 39.40 43.12
C GLU B 232 -54.22 38.57 41.99
N VAL B 233 -53.38 37.75 41.36
CA VAL B 233 -53.75 36.90 40.24
C VAL B 233 -53.47 35.47 40.67
N LYS B 234 -54.54 34.73 40.96
CA LYS B 234 -54.44 33.42 41.60
C LYS B 234 -54.38 32.31 40.57
N ALA B 235 -53.49 31.34 40.77
CA ALA B 235 -53.43 30.16 39.91
C ALA B 235 -53.06 28.94 40.72
N ALA B 236 -53.52 27.79 40.26
CA ALA B 236 -53.16 26.53 40.89
C ALA B 236 -51.66 26.26 40.74
N PRO B 237 -51.04 25.58 41.69
CA PRO B 237 -49.59 25.34 41.60
C PRO B 237 -49.24 24.41 40.45
N ASP B 238 -48.11 24.68 39.82
CA ASP B 238 -47.58 23.84 38.74
C ASP B 238 -46.13 23.51 39.04
N ILE B 239 -45.83 22.22 39.20
CA ILE B 239 -44.48 21.80 39.56
C ILE B 239 -43.62 21.78 38.31
N THR B 240 -42.63 22.66 38.25
CA THR B 240 -41.78 22.80 37.07
C THR B 240 -40.37 22.25 37.27
N GLY B 241 -40.10 21.52 38.34
CA GLY B 241 -38.78 20.97 38.53
C GLY B 241 -38.68 19.87 39.56
N HIS B 242 -38.05 18.76 39.20
CA HIS B 242 -37.76 17.68 40.14
C HIS B 242 -36.67 16.81 39.51
N LYS B 243 -36.27 15.78 40.25
CA LYS B 243 -35.30 14.81 39.76
C LYS B 243 -36.02 13.50 39.46
N ARG B 244 -35.72 12.93 38.30
CA ARG B 244 -36.39 11.70 37.89
C ARG B 244 -36.01 10.55 38.81
N SER B 245 -34.75 10.49 39.22
CA SER B 245 -34.27 9.44 40.10
C SER B 245 -33.03 9.92 40.84
N GLU B 246 -32.81 9.37 42.02
CA GLU B 246 -31.63 9.67 42.84
C GLU B 246 -30.96 8.36 43.22
N ASN B 247 -29.76 8.12 42.69
CA ASN B 247 -29.01 6.89 42.93
C ASN B 247 -27.78 7.22 43.75
N LYS B 248 -27.63 6.57 44.90
CA LYS B 248 -26.52 6.84 45.81
C LYS B 248 -26.05 5.55 46.44
N ASN B 249 -24.83 5.59 46.97
CA ASN B 249 -24.26 4.47 47.73
C ASN B 249 -24.65 4.56 49.19
N GLU B 250 -24.71 3.41 49.85
CA GLU B 250 -25.07 3.38 51.26
C GLU B 250 -23.97 4.02 52.09
N GLY B 251 -24.37 4.85 53.05
CA GLY B 251 -23.47 5.65 53.84
C GLY B 251 -23.32 7.08 53.37
N GLN B 252 -23.68 7.36 52.12
CA GLN B 252 -23.68 8.72 51.61
C GLN B 252 -24.98 9.42 51.98
N ASP B 253 -25.14 10.65 51.51
CA ASP B 253 -26.34 11.43 51.75
C ASP B 253 -27.01 11.82 50.44
N ALA B 254 -28.34 11.82 50.46
CA ALA B 254 -29.16 12.03 49.27
C ALA B 254 -29.97 13.30 49.42
N MET B 255 -30.28 13.93 48.29
CA MET B 255 -31.05 15.17 48.25
C MET B 255 -32.09 15.06 47.14
N MET B 256 -33.33 15.42 47.45
CA MET B 256 -34.41 15.49 46.48
C MET B 256 -35.12 16.82 46.61
N TYR B 257 -35.53 17.42 45.50
CA TYR B 257 -36.11 18.75 45.54
C TYR B 257 -37.29 18.87 44.59
N CYS B 258 -38.07 19.93 44.82
CA CYS B 258 -39.20 20.29 43.97
C CYS B 258 -39.30 21.79 43.88
N LYS B 259 -39.66 22.29 42.69
CA LYS B 259 -39.93 23.69 42.44
C LYS B 259 -41.33 23.83 41.89
N SER B 260 -41.97 24.97 42.15
CA SER B 260 -43.34 25.20 41.71
C SER B 260 -43.51 26.64 41.24
N VAL B 261 -44.58 26.85 40.47
CA VAL B 261 -44.97 28.18 40.03
C VAL B 261 -46.45 28.38 40.32
N GLY B 262 -46.78 29.27 41.26
CA GLY B 262 -48.16 29.56 41.58
C GLY B 262 -48.27 30.73 42.53
N TYR B 263 -49.50 31.24 42.64
CA TYR B 263 -49.81 32.25 43.64
C TYR B 263 -51.18 31.98 44.22
N PRO B 264 -51.35 32.04 45.55
CA PRO B 264 -50.36 32.31 46.60
C PRO B 264 -49.28 31.24 46.64
N HIS B 265 -48.18 31.50 47.33
CA HIS B 265 -47.11 30.53 47.37
C HIS B 265 -47.57 29.27 48.10
N PRO B 266 -47.34 28.08 47.54
CA PRO B 266 -48.05 26.89 48.00
C PRO B 266 -47.49 26.32 49.30
N GLU B 267 -48.31 25.50 49.94
CA GLU B 267 -47.83 24.68 51.04
C GLU B 267 -47.27 23.37 50.49
N TRP B 268 -46.15 22.93 51.08
CA TRP B 268 -45.41 21.77 50.63
C TRP B 268 -45.60 20.63 51.62
N ILE B 269 -45.86 19.43 51.11
CA ILE B 269 -45.90 18.23 51.95
C ILE B 269 -45.25 17.07 51.19
N TRP B 270 -44.41 16.32 51.90
CA TRP B 270 -43.70 15.17 51.34
C TRP B 270 -44.38 13.88 51.78
N ARG B 271 -44.34 12.86 50.93
CA ARG B 271 -44.98 11.59 51.20
C ARG B 271 -44.17 10.49 50.55
N LYS B 272 -44.36 9.25 51.00
CA LYS B 272 -43.66 8.10 50.44
C LYS B 272 -44.64 6.98 50.14
N LYS B 273 -44.54 6.39 48.95
CA LYS B 273 -45.41 5.27 48.60
C LYS B 273 -45.01 4.04 49.38
N GLU B 274 -45.87 3.60 50.30
CA GLU B 274 -45.72 2.33 50.99
C GLU B 274 -46.90 1.44 50.60
N ASN B 275 -46.59 0.25 50.07
CA ASN B 275 -47.58 -0.79 49.81
C ASN B 275 -48.77 -0.25 49.00
N GLY B 276 -48.46 0.61 48.03
CA GLY B 276 -49.46 1.12 47.11
C GLY B 276 -50.03 2.48 47.47
N VAL B 277 -49.94 2.90 48.73
CA VAL B 277 -50.57 4.12 49.19
C VAL B 277 -49.50 5.06 49.72
N PHE B 278 -49.58 6.33 49.37
CA PHE B 278 -48.63 7.30 49.88
C PHE B 278 -48.94 7.65 51.32
N GLU B 279 -47.93 7.53 52.19
CA GLU B 279 -48.05 7.77 53.61
C GLU B 279 -46.99 8.77 54.06
N GLU B 280 -47.28 9.44 55.17
CA GLU B 280 -46.42 10.52 55.66
C GLU B 280 -45.06 9.99 56.07
N ILE B 281 -44.04 10.85 55.91
CA ILE B 281 -42.68 10.49 56.31
C ILE B 281 -42.62 10.34 57.82
N SER B 282 -41.95 9.28 58.28
CA SER B 282 -41.78 9.00 59.70
C SER B 282 -40.34 9.28 60.07
N ASN B 283 -40.14 10.21 60.99
CA ASN B 283 -38.79 10.68 61.36
C ASN B 283 -38.25 9.95 62.58
N SER B 284 -38.64 8.70 62.76
CA SER B 284 -38.19 7.94 63.93
C SER B 284 -36.67 7.77 63.92
N SER B 285 -36.08 7.70 62.73
CA SER B 285 -34.62 7.58 62.64
C SER B 285 -33.92 8.87 63.05
N GLY B 286 -34.54 10.03 62.77
CA GLY B 286 -33.92 11.30 63.04
C GLY B 286 -33.06 11.84 61.92
N ARG B 287 -33.08 11.20 60.75
CA ARG B 287 -32.15 11.56 59.68
C ARG B 287 -32.77 12.47 58.63
N PHE B 288 -34.09 12.41 58.45
CA PHE B 288 -34.75 13.22 57.43
C PHE B 288 -34.72 14.70 57.79
N PHE B 289 -34.46 15.55 56.78
CA PHE B 289 -34.31 17.00 56.95
C PHE B 289 -35.12 17.74 55.88
N ILE B 290 -36.38 18.06 56.20
CA ILE B 290 -37.20 18.86 55.29
C ILE B 290 -36.89 20.34 55.47
N THR B 291 -36.72 21.05 54.35
CA THR B 291 -36.28 22.45 54.36
C THR B 291 -37.20 23.28 53.45
N ASN B 292 -38.51 23.18 53.68
CA ASN B 292 -39.51 23.88 52.86
C ASN B 292 -39.19 25.36 52.67
N LYS B 293 -39.63 25.93 51.56
CA LYS B 293 -39.41 27.33 51.26
C LYS B 293 -40.60 27.83 50.44
N GLU B 294 -40.53 29.09 50.02
CA GLU B 294 -41.63 29.74 49.32
C GLU B 294 -42.01 29.04 48.01
N ASN B 295 -41.04 28.80 47.12
CA ASN B 295 -41.30 28.05 45.90
C ASN B 295 -40.30 26.92 45.68
N TYR B 296 -39.58 26.52 46.72
CA TYR B 296 -38.57 25.47 46.63
C TYR B 296 -38.75 24.55 47.83
N THR B 297 -38.46 23.27 47.65
CA THR B 297 -38.49 22.36 48.80
C THR B 297 -37.48 21.26 48.61
N GLU B 298 -36.86 20.84 49.71
CA GLU B 298 -35.84 19.80 49.72
C GLU B 298 -36.13 18.79 50.81
N LEU B 299 -35.95 17.52 50.49
CA LEU B 299 -35.90 16.42 51.44
C LEU B 299 -34.50 15.84 51.36
N SER B 300 -33.74 15.97 52.44
CA SER B 300 -32.37 15.48 52.50
C SER B 300 -32.30 14.32 53.49
N ILE B 301 -31.54 13.29 53.12
CA ILE B 301 -31.31 12.12 53.97
C ILE B 301 -29.81 11.98 54.16
N VAL B 302 -29.40 11.69 55.39
CA VAL B 302 -28.00 11.45 55.71
C VAL B 302 -27.85 9.99 56.14
N ASN B 303 -26.67 9.44 55.88
CA ASN B 303 -26.36 8.07 56.27
C ASN B 303 -27.41 7.10 55.76
N LEU B 304 -27.50 6.93 54.44
CA LEU B 304 -28.55 6.11 53.85
C LEU B 304 -28.41 4.66 54.27
N GLN B 305 -29.54 4.04 54.60
CA GLN B 305 -29.61 2.62 54.93
C GLN B 305 -30.29 1.88 53.80
N ILE B 306 -29.74 0.72 53.44
CA ILE B 306 -30.18 0.03 52.23
C ILE B 306 -31.43 -0.81 52.44
N THR B 307 -31.90 -0.97 53.68
CA THR B 307 -33.04 -1.83 53.95
C THR B 307 -34.36 -1.13 53.66
N GLU B 308 -34.55 0.07 54.22
CA GLU B 308 -35.84 0.74 54.19
C GLU B 308 -35.87 1.98 53.31
N ASP B 309 -34.74 2.68 53.14
CA ASP B 309 -34.75 3.95 52.41
C ASP B 309 -35.18 3.84 50.95
N PRO B 310 -34.73 2.86 50.14
CA PRO B 310 -35.15 2.81 48.75
C PRO B 310 -36.67 2.78 48.57
N GLY B 311 -37.18 3.74 47.81
CA GLY B 311 -38.60 3.79 47.56
C GLY B 311 -38.95 4.91 46.60
N GLU B 312 -40.22 5.29 46.60
CA GLU B 312 -40.72 6.36 45.77
C GLU B 312 -41.29 7.47 46.65
N TYR B 313 -40.84 8.69 46.41
CA TYR B 313 -41.19 9.84 47.24
C TYR B 313 -41.93 10.87 46.40
N GLU B 314 -43.09 11.31 46.87
CA GLU B 314 -43.91 12.29 46.17
C GLU B 314 -43.90 13.61 46.92
N CYS B 315 -43.79 14.70 46.18
CA CYS B 315 -43.92 16.05 46.74
C CYS B 315 -45.20 16.67 46.23
N ASN B 316 -45.96 17.26 47.17
CA ASN B 316 -47.27 17.85 46.91
C ASN B 316 -47.23 19.32 47.25
N ALA B 317 -47.70 20.15 46.33
CA ALA B 317 -47.84 21.59 46.53
C ALA B 317 -49.31 21.95 46.43
N THR B 318 -49.79 22.72 47.39
CA THR B 318 -51.23 23.00 47.51
C THR B 318 -51.48 24.50 47.64
N ASN B 319 -52.54 24.96 46.98
CA ASN B 319 -53.09 26.30 47.15
C ASN B 319 -54.60 26.20 47.30
N SER B 320 -55.23 27.37 47.40
CA SER B 320 -56.70 27.42 47.44
C SER B 320 -57.29 27.00 46.10
N ILE B 321 -56.53 27.15 45.01
CA ILE B 321 -57.05 26.80 43.70
C ILE B 321 -56.94 25.31 43.44
N GLY B 322 -55.75 24.75 43.51
CA GLY B 322 -55.54 23.36 43.18
C GLY B 322 -54.32 22.79 43.87
N SER B 323 -53.79 21.72 43.28
CA SER B 323 -52.66 21.02 43.85
C SER B 323 -51.88 20.30 42.74
N ALA B 324 -50.58 20.14 42.95
CA ALA B 324 -49.72 19.45 41.99
C ALA B 324 -48.70 18.60 42.74
N SER B 325 -48.49 17.38 42.26
CA SER B 325 -47.59 16.45 42.93
C SER B 325 -46.75 15.70 41.90
N VAL B 326 -45.47 15.49 42.22
CA VAL B 326 -44.57 14.74 41.36
C VAL B 326 -43.78 13.76 42.20
N SER B 327 -43.23 12.73 41.55
CA SER B 327 -42.60 11.61 42.25
C SER B 327 -41.16 11.44 41.80
N THR B 328 -40.34 10.96 42.74
CA THR B 328 -38.92 10.67 42.56
C THR B 328 -38.65 9.26 43.05
N VAL B 329 -37.65 8.61 42.46
CA VAL B 329 -37.24 7.27 42.85
C VAL B 329 -35.86 7.36 43.49
N LEU B 330 -35.72 6.78 44.67
CA LEU B 330 -34.45 6.72 45.37
C LEU B 330 -33.93 5.29 45.36
N ARG B 331 -32.67 5.12 44.97
CA ARG B 331 -32.04 3.81 44.89
C ARG B 331 -30.71 3.85 45.64
N VAL B 332 -30.50 2.88 46.52
CA VAL B 332 -29.26 2.76 47.29
C VAL B 332 -28.50 1.54 46.79
N ARG B 333 -27.19 1.70 46.60
CA ARG B 333 -26.35 0.65 46.02
C ARG B 333 -25.55 -0.03 47.11
N SER B 334 -25.39 -1.35 46.98
CA SER B 334 -24.63 -2.12 47.96
C SER B 334 -23.13 -1.86 47.80
N HIS B 335 -22.39 -2.08 48.89
CA HIS B 335 -20.95 -1.88 48.84
C HIS B 335 -20.23 -3.04 48.15
N LEU B 336 -20.82 -4.23 48.18
CA LEU B 336 -20.26 -5.40 47.52
C LEU B 336 -20.71 -5.54 46.07
N ALA B 337 -21.11 -4.45 45.43
CA ALA B 337 -21.62 -4.48 44.08
C ALA B 337 -20.57 -4.90 43.05
N PRO B 338 -19.33 -4.38 43.10
CA PRO B 338 -18.33 -4.79 42.10
C PRO B 338 -17.71 -6.15 42.35
N LEU B 339 -18.18 -6.92 43.32
CA LEU B 339 -17.58 -8.23 43.57
C LEU B 339 -18.18 -9.31 42.70
N TRP B 340 -19.49 -9.24 42.46
CA TRP B 340 -20.15 -10.25 41.63
C TRP B 340 -19.66 -10.27 40.19
N PRO B 341 -19.49 -9.14 39.49
CA PRO B 341 -18.90 -9.22 38.15
C PRO B 341 -17.49 -9.75 38.16
N PHE B 342 -16.69 -9.33 39.14
CA PHE B 342 -15.29 -9.72 39.21
C PHE B 342 -15.15 -11.24 39.28
N LEU B 343 -15.88 -11.88 40.20
CA LEU B 343 -15.88 -13.33 40.24
C LEU B 343 -16.25 -13.92 38.89
N GLY B 344 -17.25 -13.35 38.21
CA GLY B 344 -17.61 -13.85 36.90
C GLY B 344 -16.45 -13.82 35.93
N ILE B 345 -15.68 -12.73 35.94
CA ILE B 345 -14.51 -12.66 35.08
C ILE B 345 -13.55 -13.79 35.43
N LEU B 346 -13.32 -14.02 36.73
CA LEU B 346 -12.43 -15.10 37.12
C LEU B 346 -12.92 -16.45 36.63
N ALA B 347 -14.23 -16.61 36.49
CA ALA B 347 -14.72 -17.84 35.89
C ALA B 347 -14.34 -17.92 34.43
N GLU B 348 -14.61 -16.85 33.67
CA GLU B 348 -14.43 -16.88 32.22
C GLU B 348 -13.00 -17.26 31.87
N ILE B 349 -12.04 -16.53 32.45
CA ILE B 349 -10.63 -16.80 32.18
C ILE B 349 -10.31 -18.26 32.45
N ILE B 350 -10.75 -18.79 33.59
CA ILE B 350 -10.45 -20.17 33.92
C ILE B 350 -10.96 -21.09 32.81
N ILE B 351 -12.22 -20.90 32.38
CA ILE B 351 -12.75 -21.74 31.32
C ILE B 351 -11.85 -21.68 30.10
N LEU B 352 -11.50 -20.46 29.68
CA LEU B 352 -10.65 -20.31 28.50
C LEU B 352 -9.38 -21.13 28.66
N VAL B 353 -8.68 -20.96 29.80
CA VAL B 353 -7.41 -21.64 29.96
C VAL B 353 -7.59 -23.13 29.73
N VAL B 354 -8.61 -23.71 30.36
CA VAL B 354 -8.76 -25.16 30.29
C VAL B 354 -8.82 -25.61 28.85
N ILE B 355 -9.64 -24.93 28.03
CA ILE B 355 -9.82 -25.39 26.65
C ILE B 355 -8.47 -25.46 25.94
N ILE B 356 -7.70 -24.37 26.01
CA ILE B 356 -6.42 -24.38 25.30
C ILE B 356 -5.49 -25.42 25.92
N VAL B 357 -5.46 -25.49 27.25
CA VAL B 357 -4.56 -26.46 27.89
C VAL B 357 -4.99 -27.88 27.55
N VAL B 358 -6.27 -28.09 27.29
CA VAL B 358 -6.71 -29.42 26.87
C VAL B 358 -6.49 -29.60 25.38
N TYR B 359 -6.55 -28.51 24.61
CA TYR B 359 -6.41 -28.61 23.17
C TYR B 359 -4.99 -29.00 22.77
N GLU B 360 -4.00 -28.55 23.53
CA GLU B 360 -2.61 -28.88 23.25
C GLU B 360 -2.10 -29.98 24.16
AL ALF C . 20.37 -10.28 -21.39
F1 ALF C . 19.87 -11.41 -22.66
F2 ALF C . 20.85 -9.16 -20.08
F3 ALF C . 18.68 -9.70 -21.26
F4 ALF C . 22.04 -10.83 -21.58
MG MG D . 21.55 -8.66 -18.31
C1 NAG E . -36.18 14.84 62.03
C2 NAG E . -36.45 16.33 61.84
C3 NAG E . -35.15 17.12 61.91
C4 NAG E . -34.42 16.81 63.20
C5 NAG E . -34.22 15.31 63.36
C6 NAG E . -33.61 14.93 64.69
C7 NAG E . -38.48 16.58 60.48
C8 NAG E . -39.02 16.86 59.10
N2 NAG E . -37.14 16.57 60.59
O3 NAG E . -35.43 18.51 61.81
O4 NAG E . -33.16 17.46 63.22
O5 NAG E . -35.49 14.63 63.27
O6 NAG E . -32.67 15.90 65.12
O7 NAG E . -39.20 16.37 61.44
C1 NAG F . -51.55 15.61 46.42
C2 NAG F . -52.76 16.28 47.09
C3 NAG F . -54.04 15.83 46.40
C4 NAG F . -53.95 16.07 44.90
C5 NAG F . -52.68 15.45 44.32
C6 NAG F . -52.47 15.77 42.87
C7 NAG F . -53.13 16.85 49.46
C8 NAG F . -53.44 18.24 48.99
N2 NAG F . -52.81 15.95 48.51
O3 NAG F . -55.15 16.55 46.94
O4 NAG F . -55.08 15.51 44.25
O5 NAG F . -51.54 15.94 45.03
O6 NAG F . -51.83 17.03 42.71
O7 NAG F . -53.17 16.54 50.65
C1 NAG G . -38.26 31.15 44.12
C2 NAG G . -38.37 31.86 42.76
C3 NAG G . -37.01 32.41 42.34
C4 NAG G . -36.43 33.28 43.44
C5 NAG G . -36.38 32.51 44.75
C6 NAG G . -35.89 33.35 45.91
C7 NAG G . -40.18 30.98 41.36
C8 NAG G . -40.55 30.00 40.29
N2 NAG G . -38.90 30.97 41.75
O3 NAG G . -37.16 33.16 41.15
O4 NAG G . -35.10 33.68 43.09
O5 NAG G . -37.70 32.05 45.09
O6 NAG G . -34.85 34.21 45.51
O7 NAG G . -41.00 31.76 41.83
C1 NAG H . -61.28 52.50 35.07
C2 NAG H . -62.59 53.26 34.83
C3 NAG H . -63.21 52.83 33.51
C4 NAG H . -62.20 52.98 32.37
C5 NAG H . -60.91 52.23 32.71
C6 NAG H . -59.83 52.44 31.68
C7 NAG H . -63.89 54.02 36.77
C8 NAG H . -64.86 53.63 37.84
N2 NAG H . -63.52 53.05 35.93
O3 NAG H . -64.36 53.63 33.25
O4 NAG H . -62.75 52.44 31.17
O5 NAG H . -60.39 52.72 33.96
O6 NAG H . -59.63 53.82 31.38
O7 NAG H . -63.46 55.17 36.67
C1 NAG I . -46.16 49.76 48.30
C2 NAG I . -45.39 48.43 48.20
C3 NAG I . -46.01 47.41 49.14
C4 NAG I . -46.11 47.97 50.56
C5 NAG I . -46.80 49.33 50.55
C6 NAG I . -46.80 50.01 51.91
C7 NAG I . -44.29 47.49 46.22
C8 NAG I . -44.48 47.01 44.81
N2 NAG I . -45.39 47.94 46.83
O3 NAG I . -45.23 46.23 49.14
O4 NAG I . -46.85 47.08 51.38
O5 NAG I . -46.14 50.23 49.64
O6 NAG I . -47.49 49.23 52.88
O7 NAG I . -43.20 47.48 46.78
C1 NAG J . -50.89 63.52 32.41
C2 NAG J . -50.18 63.87 33.71
C3 NAG J . -51.06 64.78 34.55
C4 NAG J . -51.47 66.01 33.75
C5 NAG J . -52.09 65.60 32.42
C6 NAG J . -52.38 66.76 31.51
C7 NAG J . -48.59 62.16 34.47
C8 NAG J . -47.55 62.91 33.67
N2 NAG J . -49.82 62.67 34.45
O3 NAG J . -50.35 65.17 35.72
O4 NAG J . -52.40 66.78 34.49
O5 NAG J . -51.21 64.72 31.71
O6 NAG J . -51.26 67.62 31.41
O7 NAG J . -48.31 61.14 35.09
#